data_9AU8
#
_entry.id   9AU8
#
_cell.length_a   1.00
_cell.length_b   1.00
_cell.length_c   1.00
_cell.angle_alpha   90.00
_cell.angle_beta   90.00
_cell.angle_gamma   90.00
#
_symmetry.space_group_name_H-M   'P 1'
#
loop_
_entity.id
_entity.type
_entity.pdbx_description
1 polymer 'DNA polymerase theta'
2 polymer "DNA (5'-D(P*CP*GP*TP*AP*GP*(DOC))-3')"
3 polymer "DNA (5'-D(P*AP*GP*TP*GP*CP*TP*AP*CP*G)-3')"
4 non-polymer "THYMIDINE-5'-TRIPHOSPHATE"
5 non-polymer 'MAGNESIUM ION'
#
loop_
_entity_poly.entity_id
_entity_poly.type
_entity_poly.pdbx_seq_one_letter_code
_entity_poly.pdbx_strand_id
1 'polypeptide(L)'
;GFKDNSPISDTSFSLQLSQDGLQLTPASSSSESLSIIDVASDQNLFQTFIKEWRCKKRFSISLACEKIRSLTSSKTATIG
SRFKQASSPQEIPIRDDGFPIKGCDDTLVVGLAVCWGGRDAYYFSLQKEQKHSEISASLVPPSLDPSLTLKDRMWYLQSC
LRKESDKECSVVIYDFIQSYKILLLSCGISLEQSYEDPKVACWLLDPDSQEPTLHSIVTSFLPHELPLLEGMETSQGIQS
LGLNAGSEHSGRYRASVESILIFNSMNQLNSLLQKENLQDVFRKVEMPSQYCLALLELNGIGFSTAECESQKHIMQAKLD
AIETQAYQLAGHSFSFTSSDDIAEVLFLELKLPPNREMKNQGSKKTLGSTRRGIDNGRKLRLGRQFSTSKDVLNKLKALH
PLPGLILEWRRITNAITKVVFPLQREKCLNPFLGMERIYPVSQSHTATGRITFTEPNIQNVPRDFEIKMPTLVGESPPSQ
AVGKGLLPMGRGKYKKGFSVNPRCQAQMEERAADRGMPFSISMRHAFVPFPGGSILAADYSQLELRILAHLSHDRRLIQV
LNTGADVFRSIAAEWKMIEPESVGDDLRQQAKQICYGIIYGMGAKSLGEQMGIKENDAACYIDSFKSRYTGINQFMTETV
KNCKRDGFVQTILGRRRYLPGIKDNNPYRKAHAERQAINTIVQGSAADIVKIATVNIQKQLETFHSTFKSHGHREGMLQS
DQTGLSRKRKLQGMFCPIRGGFFILQLHDELLYEVAEEDVVQVAQIVKNEMESAVKLSVKLKVKVKIGASWGELKDFDV
;
A
2 'polydeoxyribonucleotide'
;(DT)(DG)(DC)(DT)(DG)(DT)(DG)(DA)(DG)(DG)(DC)(DA)(DT)(DC)(DC)(DG)(DT)(DA)(DG)
(DOC)
;
C
3 'polydeoxyribonucleotide'
;(DG)(DC)(DA)(DG)(DT)(DC)(DA)(DG)(DT)(DG)(DC)(DT)(DA)(DC)(DG)(DG)(DA)(DT)(DG)(DC)
(DC)(DT)(DC)(DA)(DC)(DA)(DG)(DC)(DA)
;
D
#
# COMPACT_ATOMS: atom_id res chain seq x y z
N SER A 33 -3.68 -38.02 -16.32
CA SER A 33 -3.93 -37.13 -15.20
C SER A 33 -2.71 -36.26 -14.89
N LEU A 34 -2.49 -36.01 -13.60
CA LEU A 34 -1.33 -35.23 -13.18
C LEU A 34 -0.05 -35.98 -13.54
N SER A 35 0.92 -35.24 -14.10
CA SER A 35 2.19 -35.82 -14.53
C SER A 35 3.32 -35.02 -13.89
N ILE A 36 3.82 -35.52 -12.77
CA ILE A 36 4.95 -34.90 -12.07
C ILE A 36 6.24 -35.55 -12.55
N ILE A 37 7.19 -34.72 -12.96
CA ILE A 37 8.50 -35.18 -13.41
C ILE A 37 9.52 -34.81 -12.35
N ASP A 38 10.15 -35.82 -11.75
CA ASP A 38 11.20 -35.60 -10.76
C ASP A 38 12.50 -35.30 -11.51
N VAL A 39 12.80 -34.01 -11.66
CA VAL A 39 13.95 -33.61 -12.47
C VAL A 39 15.26 -34.03 -11.81
N ALA A 40 15.34 -33.90 -10.49
CA ALA A 40 16.58 -34.18 -9.76
C ALA A 40 16.82 -35.67 -9.55
N SER A 41 16.14 -36.55 -10.27
CA SER A 41 16.34 -37.98 -10.11
C SER A 41 17.44 -38.52 -11.02
N ASP A 42 17.52 -38.03 -12.26
CA ASP A 42 18.51 -38.50 -13.22
C ASP A 42 19.24 -37.33 -13.83
N GLN A 43 20.53 -37.55 -14.13
CA GLN A 43 21.35 -36.48 -14.68
C GLN A 43 20.91 -36.10 -16.09
N ASN A 44 20.62 -37.09 -16.94
CA ASN A 44 20.16 -36.80 -18.29
C ASN A 44 18.81 -36.07 -18.27
N LEU A 45 17.91 -36.51 -17.39
CA LEU A 45 16.62 -35.83 -17.26
C LEU A 45 16.81 -34.39 -16.80
N PHE A 46 17.71 -34.16 -15.84
CA PHE A 46 18.00 -32.80 -15.40
C PHE A 46 18.54 -31.95 -16.53
N GLN A 47 19.46 -32.51 -17.33
CA GLN A 47 20.05 -31.73 -18.41
C GLN A 47 19.04 -31.39 -19.49
N THR A 48 18.20 -32.35 -19.87
CA THR A 48 17.20 -32.05 -20.88
C THR A 48 16.13 -31.09 -20.35
N PHE A 49 15.79 -31.19 -19.06
CA PHE A 49 14.87 -30.22 -18.47
C PHE A 49 15.47 -28.82 -18.48
N ILE A 50 16.76 -28.71 -18.16
CA ILE A 50 17.43 -27.41 -18.18
C ILE A 50 17.45 -26.84 -19.60
N LYS A 51 17.75 -27.69 -20.58
CA LYS A 51 17.76 -27.22 -21.97
C LYS A 51 16.37 -26.76 -22.41
N GLU A 52 15.34 -27.51 -22.07
CA GLU A 52 13.98 -27.11 -22.43
C GLU A 52 13.58 -25.82 -21.73
N TRP A 53 13.97 -25.67 -20.47
CA TRP A 53 13.67 -24.44 -19.72
C TRP A 53 14.35 -23.24 -20.36
N ARG A 54 15.62 -23.40 -20.75
CA ARG A 54 16.32 -22.30 -21.42
C ARG A 54 15.69 -22.00 -22.77
N CYS A 55 15.13 -23.00 -23.44
CA CYS A 55 14.46 -22.79 -24.71
C CYS A 55 13.01 -22.35 -24.55
N LYS A 56 12.51 -22.24 -23.32
CA LYS A 56 11.13 -21.87 -23.07
C LYS A 56 11.03 -20.39 -22.68
N LYS A 57 9.95 -19.74 -23.12
CA LYS A 57 9.75 -18.33 -22.89
C LYS A 57 8.63 -18.02 -21.90
N ARG A 58 7.93 -19.03 -21.40
CA ARG A 58 6.82 -18.82 -20.48
C ARG A 58 6.75 -20.02 -19.53
N PHE A 59 7.14 -19.82 -18.28
CA PHE A 59 7.10 -20.86 -17.27
C PHE A 59 6.35 -20.35 -16.05
N SER A 60 6.08 -21.27 -15.12
CA SER A 60 5.19 -21.01 -13.99
C SER A 60 5.81 -21.53 -12.69
N ILE A 61 7.05 -21.15 -12.41
CA ILE A 61 7.72 -21.65 -11.22
C ILE A 61 6.92 -21.33 -9.97
N SER A 62 7.11 -22.14 -8.94
CA SER A 62 6.44 -21.95 -7.66
C SER A 62 7.36 -22.48 -6.56
N LEU A 63 6.84 -22.54 -5.34
CA LEU A 63 7.62 -22.97 -4.19
C LEU A 63 6.87 -24.07 -3.44
N ALA A 64 7.64 -24.89 -2.74
CA ALA A 64 7.12 -25.97 -1.91
C ALA A 64 7.65 -25.80 -0.51
N CYS A 65 6.77 -25.90 0.48
CA CYS A 65 7.14 -25.73 1.88
C CYS A 65 6.53 -26.84 2.72
N GLU A 66 7.32 -27.38 3.63
CA GLU A 66 6.89 -28.44 4.53
C GLU A 66 7.29 -28.07 5.95
N LYS A 67 6.97 -28.96 6.89
CA LYS A 67 7.35 -28.77 8.28
C LYS A 67 8.80 -29.21 8.51
N ILE A 68 9.31 -28.90 9.71
CA ILE A 68 10.66 -29.29 10.04
C ILE A 68 10.80 -30.82 10.06
N ARG A 69 9.83 -31.50 10.67
CA ARG A 69 9.84 -32.96 10.78
C ARG A 69 11.12 -33.47 11.41
N SER A 70 11.58 -32.76 12.44
CA SER A 70 12.80 -33.14 13.14
C SER A 70 12.57 -34.33 14.06
N ILE A 94 16.72 -28.15 8.73
CA ILE A 94 17.70 -27.09 8.57
C ILE A 94 18.95 -27.64 7.93
N ARG A 95 19.30 -27.08 6.76
CA ARG A 95 20.48 -27.41 5.96
C ARG A 95 20.41 -28.80 5.35
N ASP A 96 19.37 -29.58 5.63
CA ASP A 96 19.19 -30.90 5.03
C ASP A 96 17.90 -31.00 4.23
N ASP A 97 16.78 -30.60 4.80
CA ASP A 97 15.52 -30.60 4.05
C ASP A 97 15.47 -29.46 3.04
N GLY A 98 16.13 -28.35 3.34
CA GLY A 98 16.15 -27.22 2.42
C GLY A 98 16.62 -25.97 3.14
N PHE A 99 16.34 -24.83 2.51
CA PHE A 99 16.67 -23.53 3.09
C PHE A 99 15.55 -23.09 4.02
N PRO A 100 15.85 -22.78 5.28
CA PRO A 100 14.78 -22.33 6.19
C PRO A 100 14.17 -21.02 5.73
N ILE A 101 12.86 -20.89 5.93
CA ILE A 101 12.12 -19.70 5.53
C ILE A 101 12.20 -18.68 6.66
N LYS A 102 12.56 -17.44 6.32
CA LYS A 102 12.63 -16.38 7.31
C LYS A 102 11.24 -16.10 7.89
N GLY A 103 11.21 -15.81 9.18
CA GLY A 103 9.94 -15.57 9.86
C GLY A 103 9.35 -16.83 10.46
N CYS A 104 8.90 -17.74 9.59
CA CYS A 104 8.35 -19.02 10.03
C CYS A 104 9.50 -20.01 10.17
N ASP A 105 10.05 -20.11 11.39
CA ASP A 105 11.16 -21.01 11.63
C ASP A 105 10.75 -22.47 11.58
N ASP A 106 9.45 -22.75 11.69
CA ASP A 106 8.94 -24.11 11.64
C ASP A 106 8.65 -24.60 10.23
N THR A 107 8.89 -23.77 9.22
CA THR A 107 8.63 -24.12 7.83
C THR A 107 9.95 -24.15 7.06
N LEU A 108 10.07 -25.14 6.17
CA LEU A 108 11.28 -25.37 5.40
C LEU A 108 10.93 -25.50 3.93
N VAL A 109 11.71 -24.83 3.08
CA VAL A 109 11.50 -24.94 1.64
C VAL A 109 12.00 -26.31 1.17
N VAL A 110 11.35 -26.84 0.12
CA VAL A 110 11.65 -28.18 -0.36
C VAL A 110 11.97 -28.16 -1.84
N GLY A 111 11.07 -27.62 -2.66
CA GLY A 111 11.27 -27.68 -4.10
C GLY A 111 10.51 -26.59 -4.83
N LEU A 112 10.74 -26.57 -6.15
CA LEU A 112 10.03 -25.71 -7.08
C LEU A 112 9.15 -26.57 -7.99
N ALA A 113 8.20 -25.91 -8.64
CA ALA A 113 7.31 -26.60 -9.58
C ALA A 113 7.12 -25.72 -10.81
N VAL A 114 7.61 -26.19 -11.95
CA VAL A 114 7.59 -25.45 -13.20
C VAL A 114 6.70 -26.17 -14.20
N CYS A 115 5.73 -25.47 -14.75
CA CYS A 115 4.82 -26.04 -15.75
C CYS A 115 4.66 -25.04 -16.89
N TRP A 116 5.07 -25.45 -18.09
CA TRP A 116 5.00 -24.60 -19.27
C TRP A 116 4.00 -25.11 -20.30
N GLY A 117 2.91 -25.70 -19.85
CA GLY A 117 1.85 -26.15 -20.73
C GLY A 117 1.29 -27.50 -20.31
N GLY A 118 -0.01 -27.67 -20.53
CA GLY A 118 -0.65 -28.93 -20.21
C GLY A 118 -0.66 -29.20 -18.71
N ARG A 119 -0.63 -30.49 -18.36
CA ARG A 119 -0.63 -30.93 -16.98
C ARG A 119 0.71 -31.52 -16.57
N ASP A 120 1.79 -31.05 -17.19
CA ASP A 120 3.14 -31.57 -16.95
C ASP A 120 3.85 -30.64 -15.97
N ALA A 121 4.02 -31.09 -14.73
CA ALA A 121 4.68 -30.30 -13.69
C ALA A 121 6.07 -30.88 -13.46
N TYR A 122 7.09 -30.11 -13.82
CA TYR A 122 8.48 -30.54 -13.69
C TYR A 122 8.97 -30.09 -12.31
N TYR A 123 8.87 -30.98 -11.33
CA TYR A 123 9.28 -30.65 -9.97
C TYR A 123 10.80 -30.57 -9.89
N PHE A 124 11.30 -29.53 -9.25
CA PHE A 124 12.72 -29.28 -9.08
C PHE A 124 13.05 -29.42 -7.60
N SER A 125 14.06 -30.22 -7.28
CA SER A 125 14.39 -30.53 -5.89
C SER A 125 15.68 -29.82 -5.48
N LEU A 126 15.61 -29.10 -4.36
CA LEU A 126 16.79 -28.50 -3.75
C LEU A 126 17.26 -29.28 -2.52
N GLN A 127 16.78 -30.51 -2.35
CA GLN A 127 17.18 -31.33 -1.23
C GLN A 127 18.65 -31.73 -1.35
N LYS A 128 19.26 -32.06 -0.21
CA LYS A 128 20.65 -32.47 -0.20
C LYS A 128 20.86 -33.80 -0.93
N GLU A 129 19.82 -34.63 -1.03
CA GLU A 129 19.94 -35.91 -1.72
C GLU A 129 19.84 -35.74 -3.23
N ASP A 145 19.68 -38.21 -6.55
CA ASP A 145 20.87 -38.31 -7.40
C ASP A 145 22.08 -37.71 -6.71
N PRO A 146 22.94 -38.55 -6.15
CA PRO A 146 24.15 -38.03 -5.49
C PRO A 146 25.10 -37.31 -6.43
N SER A 147 25.06 -37.61 -7.73
CA SER A 147 25.93 -36.92 -8.68
C SER A 147 25.61 -35.43 -8.75
N LEU A 148 24.32 -35.08 -8.72
CA LEU A 148 23.89 -33.69 -8.77
C LEU A 148 23.96 -33.11 -7.37
N THR A 149 25.07 -32.45 -7.06
CA THR A 149 25.23 -31.81 -5.77
C THR A 149 24.38 -30.55 -5.70
N LEU A 150 24.38 -29.89 -4.54
CA LEU A 150 23.57 -28.69 -4.38
C LEU A 150 24.17 -27.49 -5.10
N LYS A 151 25.50 -27.40 -5.18
CA LYS A 151 26.14 -26.21 -5.73
C LYS A 151 25.84 -26.05 -7.22
N ASP A 152 26.07 -27.10 -8.02
CA ASP A 152 25.84 -26.98 -9.45
C ASP A 152 24.35 -26.90 -9.77
N ARG A 153 23.51 -27.56 -8.98
CA ARG A 153 22.07 -27.43 -9.16
C ARG A 153 21.61 -26.00 -8.90
N MET A 154 22.12 -25.38 -7.84
CA MET A 154 21.81 -23.99 -7.56
C MET A 154 22.31 -23.07 -8.68
N TRP A 155 23.52 -23.34 -9.17
CA TRP A 155 24.06 -22.54 -10.26
C TRP A 155 23.18 -22.64 -11.50
N TYR A 156 22.75 -23.87 -11.85
CA TYR A 156 21.88 -24.04 -13.00
C TYR A 156 20.56 -23.31 -12.81
N LEU A 157 19.95 -23.46 -11.62
CA LEU A 157 18.67 -22.82 -11.36
C LEU A 157 18.78 -21.31 -11.45
N GLN A 158 19.86 -20.73 -10.91
CA GLN A 158 20.09 -19.30 -11.05
C GLN A 158 20.28 -18.92 -12.52
N SER A 159 20.97 -19.78 -13.28
CA SER A 159 21.23 -19.48 -14.69
C SER A 159 19.94 -19.41 -15.49
N CYS A 160 19.02 -20.35 -15.27
CA CYS A 160 17.79 -20.33 -16.07
C CYS A 160 16.73 -19.38 -15.52
N LEU A 161 16.97 -18.77 -14.36
CA LEU A 161 16.02 -17.85 -13.76
C LEU A 161 16.48 -16.40 -13.84
N ARG A 162 17.36 -16.08 -14.79
CA ARG A 162 17.85 -14.72 -14.98
C ARG A 162 17.70 -14.33 -16.44
N LYS A 163 17.37 -13.06 -16.67
CA LYS A 163 17.20 -12.54 -18.01
C LYS A 163 18.52 -11.99 -18.52
N GLU A 164 18.80 -12.22 -19.81
CA GLU A 164 20.02 -11.77 -20.45
C GLU A 164 19.88 -11.93 -21.96
N SER A 165 20.56 -11.06 -22.70
CA SER A 165 20.58 -11.08 -24.16
C SER A 165 19.16 -11.11 -24.73
N ASP A 166 18.31 -10.22 -24.22
CA ASP A 166 16.93 -10.07 -24.68
C ASP A 166 16.14 -11.36 -24.51
N LYS A 167 16.22 -11.94 -23.31
CA LYS A 167 15.46 -13.14 -22.97
C LYS A 167 14.11 -12.69 -22.42
N GLU A 168 13.12 -12.61 -23.30
CA GLU A 168 11.78 -12.15 -22.93
C GLU A 168 10.99 -13.34 -22.36
N CYS A 169 11.28 -13.67 -21.11
CA CYS A 169 10.62 -14.76 -20.42
C CYS A 169 9.59 -14.22 -19.44
N SER A 170 8.43 -14.87 -19.40
CA SER A 170 7.36 -14.52 -18.48
C SER A 170 7.24 -15.60 -17.42
N VAL A 171 7.37 -15.21 -16.15
CA VAL A 171 7.30 -16.13 -15.03
C VAL A 171 5.96 -15.91 -14.34
N VAL A 172 5.15 -16.96 -14.28
CA VAL A 172 3.84 -16.90 -13.65
C VAL A 172 3.96 -17.46 -12.25
N ILE A 173 3.88 -16.59 -11.25
CA ILE A 173 3.98 -16.99 -9.85
C ILE A 173 2.75 -16.45 -9.12
N TYR A 174 2.09 -17.33 -8.36
CA TYR A 174 1.00 -16.91 -7.50
C TYR A 174 1.57 -16.36 -6.20
N ASP A 175 1.04 -15.21 -5.76
CA ASP A 175 1.58 -14.48 -4.61
C ASP A 175 3.06 -14.12 -4.86
N PHE A 176 3.25 -13.28 -5.87
CA PHE A 176 4.59 -12.99 -6.38
C PHE A 176 5.47 -12.32 -5.33
N ILE A 177 4.90 -11.47 -4.48
CA ILE A 177 5.73 -10.77 -3.49
C ILE A 177 6.36 -11.76 -2.53
N GLN A 178 5.56 -12.65 -1.96
CA GLN A 178 6.08 -13.62 -1.00
C GLN A 178 7.02 -14.61 -1.66
N SER A 179 6.69 -15.02 -2.90
CA SER A 179 7.57 -15.95 -3.62
C SER A 179 8.92 -15.30 -3.90
N TYR A 180 8.92 -14.04 -4.31
CA TYR A 180 10.17 -13.30 -4.52
C TYR A 180 10.96 -13.21 -3.23
N LYS A 181 10.28 -12.91 -2.12
CA LYS A 181 10.98 -12.78 -0.84
C LYS A 181 11.62 -14.10 -0.43
N ILE A 182 10.88 -15.20 -0.51
CA ILE A 182 11.44 -16.48 -0.08
C ILE A 182 12.55 -16.93 -1.02
N LEU A 183 12.39 -16.70 -2.33
CA LEU A 183 13.44 -17.06 -3.26
C LEU A 183 14.70 -16.26 -3.03
N LEU A 184 14.57 -15.01 -2.57
CA LEU A 184 15.73 -14.17 -2.35
C LEU A 184 16.43 -14.50 -1.04
N LEU A 185 15.70 -14.45 0.08
CA LEU A 185 16.35 -14.58 1.39
C LEU A 185 16.86 -15.98 1.66
N SER A 186 16.05 -17.01 1.36
CA SER A 186 16.45 -18.37 1.70
C SER A 186 17.14 -19.09 0.55
N CYS A 187 16.53 -19.10 -0.64
CA CYS A 187 17.14 -19.81 -1.77
C CYS A 187 18.32 -19.03 -2.37
N GLY A 188 18.41 -17.74 -2.12
CA GLY A 188 19.52 -16.95 -2.62
C GLY A 188 19.46 -16.60 -4.09
N ILE A 189 18.34 -16.86 -4.76
CA ILE A 189 18.20 -16.56 -6.18
C ILE A 189 17.12 -15.52 -6.36
N SER A 190 17.40 -14.54 -7.21
CA SER A 190 16.47 -13.45 -7.49
C SER A 190 16.10 -13.47 -8.96
N LEU A 191 14.79 -13.45 -9.23
CA LEU A 191 14.32 -13.45 -10.61
C LEU A 191 14.58 -12.09 -11.26
N GLU A 192 14.72 -12.11 -12.59
CA GLU A 192 14.90 -10.87 -13.33
C GLU A 192 14.10 -10.86 -14.64
N GLN A 193 13.09 -11.70 -14.77
CA GLN A 193 12.26 -11.76 -15.96
C GLN A 193 10.93 -11.05 -15.71
N SER A 194 10.12 -10.97 -16.75
CA SER A 194 8.77 -10.43 -16.61
C SER A 194 7.94 -11.34 -15.73
N TYR A 195 7.01 -10.75 -14.98
CA TYR A 195 6.17 -11.49 -14.05
C TYR A 195 4.72 -11.40 -14.48
N GLU A 196 3.97 -12.46 -14.22
CA GLU A 196 2.59 -12.59 -14.64
C GLU A 196 1.72 -13.16 -13.52
N ASP A 197 1.80 -12.54 -12.35
CA ASP A 197 1.04 -12.99 -11.19
C ASP A 197 -0.45 -13.13 -11.55
N PRO A 198 -1.06 -14.29 -11.30
CA PRO A 198 -2.47 -14.48 -11.66
C PRO A 198 -3.42 -13.78 -10.70
N LYS A 199 -3.00 -13.66 -9.43
CA LYS A 199 -3.81 -12.94 -8.47
C LYS A 199 -3.96 -11.47 -8.85
N VAL A 200 -2.88 -10.87 -9.37
CA VAL A 200 -2.95 -9.48 -9.81
C VAL A 200 -3.90 -9.33 -10.99
N ALA A 201 -3.85 -10.26 -11.94
CA ALA A 201 -4.77 -10.21 -13.07
C ALA A 201 -6.22 -10.38 -12.61
N CYS A 202 -6.45 -11.30 -11.65
CA CYS A 202 -7.79 -11.46 -11.12
C CYS A 202 -8.27 -10.19 -10.44
N TRP A 203 -7.37 -9.49 -9.74
CA TRP A 203 -7.73 -8.19 -9.18
C TRP A 203 -8.05 -7.20 -10.29
N LEU A 204 -7.28 -7.20 -11.38
CA LEU A 204 -7.52 -6.28 -12.48
C LEU A 204 -8.91 -6.51 -13.08
N LEU A 205 -9.34 -7.77 -13.15
CA LEU A 205 -10.68 -8.06 -13.68
C LEU A 205 -11.76 -7.42 -12.81
N ASP A 206 -11.71 -7.68 -11.50
CA ASP A 206 -12.71 -7.17 -10.55
C ASP A 206 -11.99 -6.56 -9.36
N PRO A 207 -11.63 -5.27 -9.43
CA PRO A 207 -10.89 -4.65 -8.32
C PRO A 207 -11.64 -4.65 -7.01
N ASP A 208 -12.97 -4.57 -7.04
CA ASP A 208 -13.76 -4.52 -5.81
C ASP A 208 -14.06 -5.89 -5.24
N SER A 209 -13.67 -6.96 -5.92
CA SER A 209 -13.97 -8.31 -5.45
C SER A 209 -13.12 -8.64 -4.24
N GLN A 210 -13.50 -9.74 -3.57
CA GLN A 210 -12.77 -10.21 -2.41
C GLN A 210 -11.37 -10.67 -2.82
N GLU A 211 -10.47 -10.73 -1.83
CA GLU A 211 -9.09 -11.11 -2.11
C GLU A 211 -9.06 -12.50 -2.74
N PRO A 212 -8.43 -12.66 -3.90
CA PRO A 212 -8.54 -13.92 -4.64
C PRO A 212 -7.61 -14.98 -4.08
N THR A 213 -8.20 -15.99 -3.46
CA THR A 213 -7.46 -17.18 -3.08
C THR A 213 -7.26 -18.07 -4.30
N LEU A 214 -6.42 -19.09 -4.16
CA LEU A 214 -6.20 -20.03 -5.26
C LEU A 214 -7.49 -20.72 -5.65
N HIS A 215 -8.29 -21.11 -4.66
CA HIS A 215 -9.55 -21.80 -4.95
C HIS A 215 -10.49 -20.90 -5.74
N SER A 216 -10.55 -19.61 -5.40
CA SER A 216 -11.48 -18.72 -6.08
C SER A 216 -11.09 -18.51 -7.54
N ILE A 217 -9.79 -18.28 -7.81
CA ILE A 217 -9.36 -18.10 -9.19
C ILE A 217 -9.50 -19.40 -9.97
N VAL A 218 -9.28 -20.54 -9.33
CA VAL A 218 -9.47 -21.82 -10.02
C VAL A 218 -10.92 -22.02 -10.38
N THR A 219 -11.84 -21.71 -9.47
CA THR A 219 -13.26 -21.88 -9.74
C THR A 219 -13.73 -20.91 -10.83
N SER A 220 -13.27 -19.67 -10.79
CA SER A 220 -13.77 -18.64 -11.70
C SER A 220 -13.05 -18.59 -13.04
N PHE A 221 -11.91 -19.26 -13.18
CA PHE A 221 -11.13 -19.16 -14.41
C PHE A 221 -10.62 -20.50 -14.93
N LEU A 222 -10.89 -21.61 -14.23
CA LEU A 222 -10.44 -22.92 -14.67
C LEU A 222 -11.26 -24.02 -14.00
N PRO A 223 -12.55 -24.15 -14.35
CA PRO A 223 -13.38 -25.14 -13.66
C PRO A 223 -13.07 -26.57 -14.04
N HIS A 224 -12.70 -26.83 -15.29
CA HIS A 224 -12.52 -28.21 -15.74
C HIS A 224 -11.41 -28.90 -14.97
N GLU A 225 -10.32 -28.19 -14.68
CA GLU A 225 -9.22 -28.73 -13.88
C GLU A 225 -9.45 -28.54 -12.39
N LEU A 226 -10.54 -27.86 -12.02
CA LEU A 226 -10.87 -27.65 -10.60
C LEU A 226 -10.92 -28.93 -9.78
N PRO A 227 -11.47 -30.06 -10.25
CA PRO A 227 -11.46 -31.28 -9.41
C PRO A 227 -10.08 -31.76 -8.98
N LEU A 228 -9.00 -31.17 -9.51
CA LEU A 228 -7.67 -31.52 -9.03
C LEU A 228 -7.45 -31.09 -7.58
N LEU A 229 -8.29 -30.20 -7.06
CA LEU A 229 -8.20 -29.72 -5.68
C LEU A 229 -9.15 -30.48 -4.76
N GLU A 230 -9.53 -31.70 -5.10
CA GLU A 230 -10.43 -32.47 -4.27
C GLU A 230 -9.76 -32.83 -2.95
N GLY A 231 -10.50 -32.63 -1.85
CA GLY A 231 -9.94 -32.88 -0.53
C GLY A 231 -8.73 -32.03 -0.21
N MET A 232 -8.72 -30.78 -0.67
CA MET A 232 -7.57 -29.88 -0.52
C MET A 232 -8.08 -28.63 0.21
N GLU A 233 -8.07 -28.68 1.54
CA GLU A 233 -8.55 -27.56 2.34
C GLU A 233 -7.54 -26.43 2.45
N THR A 234 -6.30 -26.65 2.03
CA THR A 234 -5.27 -25.61 2.08
C THR A 234 -5.37 -24.61 0.92
N SER A 235 -6.13 -24.94 -0.12
CA SER A 235 -6.24 -24.03 -1.27
C SER A 235 -7.10 -22.82 -0.96
N GLN A 236 -7.86 -22.84 0.13
CA GLN A 236 -8.71 -21.71 0.50
C GLN A 236 -7.98 -20.65 1.31
N GLY A 237 -6.74 -20.90 1.72
CA GLY A 237 -6.00 -19.92 2.47
C GLY A 237 -5.52 -18.77 1.61
N ILE A 238 -5.18 -17.66 2.28
CA ILE A 238 -4.71 -16.47 1.56
C ILE A 238 -3.42 -16.76 0.82
N GLN A 239 -2.49 -17.47 1.46
CA GLN A 239 -1.22 -17.79 0.84
C GLN A 239 -1.42 -18.83 -0.26
N SER A 240 -0.35 -19.11 -0.99
CA SER A 240 -0.41 -20.08 -2.07
C SER A 240 -0.51 -21.50 -1.51
N LEU A 241 -0.86 -22.44 -2.40
CA LEU A 241 -0.99 -23.82 -1.98
C LEU A 241 0.35 -24.39 -1.52
N GLY A 242 1.44 -24.03 -2.19
CA GLY A 242 2.74 -24.52 -1.84
C GLY A 242 3.44 -23.80 -0.71
N LEU A 243 2.81 -22.77 -0.14
CA LEU A 243 3.40 -21.99 0.94
C LEU A 243 2.91 -22.40 2.32
N ASN A 244 1.62 -22.72 2.45
CA ASN A 244 1.07 -23.03 3.76
C ASN A 244 1.64 -24.34 4.29
N ALA A 245 1.71 -24.43 5.62
CA ALA A 245 2.19 -25.63 6.32
C ALA A 245 1.04 -26.49 6.82
N GLY A 246 -0.02 -26.59 6.02
CA GLY A 246 -1.27 -27.19 6.47
C GLY A 246 -1.49 -28.62 6.05
N SER A 247 -2.26 -28.80 4.96
CA SER A 247 -2.80 -30.10 4.57
C SER A 247 -1.75 -31.20 4.49
N GLU A 248 -2.22 -32.45 4.62
CA GLU A 248 -1.32 -33.61 4.69
C GLU A 248 -0.57 -33.86 3.38
N HIS A 249 -1.01 -33.25 2.28
CA HIS A 249 -0.36 -33.48 1.00
C HIS A 249 1.10 -33.04 1.04
N SER A 250 1.96 -33.80 0.37
CA SER A 250 3.38 -33.52 0.36
C SER A 250 3.67 -32.20 -0.34
N GLY A 251 4.80 -31.59 0.02
CA GLY A 251 5.16 -30.31 -0.57
C GLY A 251 5.35 -30.38 -2.07
N ARG A 252 5.98 -31.46 -2.54
CA ARG A 252 6.25 -31.60 -3.98
C ARG A 252 4.94 -31.69 -4.77
N TYR A 253 4.05 -32.58 -4.36
CA TYR A 253 2.78 -32.74 -5.06
C TYR A 253 1.92 -31.49 -4.98
N ARG A 254 1.87 -30.87 -3.80
CA ARG A 254 1.09 -29.65 -3.63
C ARG A 254 1.61 -28.54 -4.54
N ALA A 255 2.94 -28.35 -4.55
CA ALA A 255 3.53 -27.33 -5.42
C ALA A 255 3.28 -27.63 -6.88
N SER A 256 3.39 -28.90 -7.28
CA SER A 256 3.19 -29.26 -8.69
C SER A 256 1.77 -28.98 -9.14
N VAL A 257 0.78 -29.43 -8.36
CA VAL A 257 -0.61 -29.20 -8.75
C VAL A 257 -0.92 -27.71 -8.73
N GLU A 258 -0.40 -26.98 -7.74
CA GLU A 258 -0.64 -25.54 -7.70
C GLU A 258 -0.01 -24.85 -8.90
N SER A 259 1.19 -25.26 -9.30
CA SER A 259 1.84 -24.63 -10.45
C SER A 259 1.08 -24.89 -11.73
N ILE A 260 0.59 -26.13 -11.93
CA ILE A 260 -0.23 -26.42 -13.10
C ILE A 260 -1.48 -25.55 -13.10
N LEU A 261 -2.15 -25.47 -11.94
CA LEU A 261 -3.38 -24.71 -11.86
C LEU A 261 -3.14 -23.23 -12.14
N ILE A 262 -2.09 -22.65 -11.55
CA ILE A 262 -1.85 -21.22 -11.74
C ILE A 262 -1.41 -20.93 -13.16
N PHE A 263 -0.66 -21.84 -13.79
CA PHE A 263 -0.26 -21.60 -15.18
C PHE A 263 -1.47 -21.61 -16.11
N ASN A 264 -2.34 -22.62 -15.96
CA ASN A 264 -3.51 -22.67 -16.83
C ASN A 264 -4.46 -21.49 -16.56
N SER A 265 -4.67 -21.16 -15.28
CA SER A 265 -5.51 -20.03 -14.94
C SER A 265 -4.92 -18.73 -15.45
N MET A 266 -3.59 -18.60 -15.47
CA MET A 266 -2.97 -17.39 -15.96
C MET A 266 -3.04 -17.30 -17.48
N ASN A 267 -2.98 -18.44 -18.17
CA ASN A 267 -3.26 -18.41 -19.60
C ASN A 267 -4.67 -17.91 -19.87
N GLN A 268 -5.65 -18.42 -19.11
CA GLN A 268 -7.02 -17.94 -19.25
C GLN A 268 -7.13 -16.45 -18.94
N LEU A 269 -6.45 -16.00 -17.88
CA LEU A 269 -6.49 -14.59 -17.49
C LEU A 269 -5.84 -13.71 -18.54
N ASN A 270 -4.75 -14.17 -19.15
CA ASN A 270 -4.10 -13.41 -20.21
C ASN A 270 -5.02 -13.29 -21.41
N SER A 271 -5.72 -14.37 -21.76
CA SER A 271 -6.70 -14.29 -22.84
C SER A 271 -7.79 -13.27 -22.51
N LEU A 272 -8.29 -13.31 -21.27
CA LEU A 272 -9.32 -12.36 -20.86
C LEU A 272 -8.82 -10.92 -20.91
N LEU A 273 -7.59 -10.69 -20.44
CA LEU A 273 -7.03 -9.34 -20.44
C LEU A 273 -6.80 -8.84 -21.86
N GLN A 274 -6.36 -9.71 -22.77
CA GLN A 274 -6.22 -9.33 -24.16
C GLN A 274 -7.58 -8.98 -24.76
N LYS A 275 -8.62 -9.72 -24.39
CA LYS A 275 -9.97 -9.39 -24.83
C LYS A 275 -10.40 -8.02 -24.30
N GLU A 276 -10.08 -7.74 -23.04
CA GLU A 276 -10.50 -6.50 -22.39
C GLU A 276 -9.58 -5.32 -22.72
N ASN A 277 -8.47 -5.55 -23.41
CA ASN A 277 -7.46 -4.53 -23.68
C ASN A 277 -6.91 -3.97 -22.36
N LEU A 278 -6.47 -4.87 -21.49
CA LEU A 278 -5.93 -4.51 -20.19
C LEU A 278 -4.56 -5.11 -19.93
N GLN A 279 -4.01 -5.88 -20.87
CA GLN A 279 -2.72 -6.52 -20.63
C GLN A 279 -1.58 -5.53 -20.65
N ASP A 280 -1.70 -4.44 -21.43
CA ASP A 280 -0.65 -3.44 -21.45
C ASP A 280 -0.47 -2.78 -20.09
N VAL A 281 -1.59 -2.40 -19.46
CA VAL A 281 -1.54 -1.81 -18.13
C VAL A 281 -1.25 -2.84 -17.05
N PHE A 282 -1.34 -4.13 -17.38
CA PHE A 282 -1.01 -5.18 -16.44
C PHE A 282 0.46 -5.57 -16.49
N ARG A 283 1.11 -5.42 -17.64
CA ARG A 283 2.50 -5.80 -17.80
C ARG A 283 3.47 -4.62 -17.76
N LYS A 284 3.01 -3.42 -18.09
CA LYS A 284 3.93 -2.28 -18.17
C LYS A 284 4.05 -1.52 -16.86
N VAL A 285 2.96 -1.41 -16.10
CA VAL A 285 2.97 -0.66 -14.84
C VAL A 285 2.57 -1.53 -13.66
N GLU A 286 1.56 -2.38 -13.82
CA GLU A 286 1.00 -3.08 -12.65
C GLU A 286 1.97 -4.12 -12.11
N MET A 287 2.40 -5.05 -12.95
CA MET A 287 3.36 -6.05 -12.50
C MET A 287 4.70 -5.45 -12.11
N PRO A 288 5.28 -4.48 -12.84
CA PRO A 288 6.46 -3.79 -12.30
C PRO A 288 6.18 -3.09 -10.98
N SER A 289 4.96 -2.61 -10.75
CA SER A 289 4.63 -2.06 -9.44
C SER A 289 4.63 -3.14 -8.37
N GLN A 290 4.18 -4.34 -8.71
CA GLN A 290 4.28 -5.46 -7.78
C GLN A 290 5.72 -5.78 -7.48
N TYR A 291 6.59 -5.71 -8.49
CA TYR A 291 8.02 -5.90 -8.28
C TYR A 291 8.59 -4.84 -7.34
N CYS A 292 8.19 -3.58 -7.55
CA CYS A 292 8.65 -2.50 -6.69
C CYS A 292 8.15 -2.69 -5.26
N LEU A 293 6.92 -3.17 -5.11
CA LEU A 293 6.39 -3.43 -3.77
C LEU A 293 7.10 -4.61 -3.12
N ALA A 294 7.52 -5.60 -3.89
CA ALA A 294 8.35 -6.67 -3.35
C ALA A 294 9.68 -6.10 -2.85
N LEU A 295 10.27 -5.18 -3.61
CA LEU A 295 11.50 -4.53 -3.16
C LEU A 295 11.26 -3.72 -1.90
N LEU A 296 10.11 -3.04 -1.81
CA LEU A 296 9.77 -2.29 -0.62
C LEU A 296 9.61 -3.20 0.59
N GLU A 297 8.95 -4.35 0.41
CA GLU A 297 8.79 -5.30 1.50
C GLU A 297 10.14 -5.86 1.94
N LEU A 298 11.03 -6.11 0.99
CA LEU A 298 12.37 -6.56 1.34
C LEU A 298 13.12 -5.49 2.13
N ASN A 299 13.01 -4.23 1.70
CA ASN A 299 13.73 -3.15 2.37
C ASN A 299 13.20 -2.90 3.76
N GLY A 300 11.88 -2.74 3.90
CA GLY A 300 11.30 -2.31 5.15
C GLY A 300 11.52 -0.83 5.38
N ILE A 301 11.06 -0.37 6.54
CA ILE A 301 11.18 1.02 6.95
C ILE A 301 12.06 1.08 8.19
N GLY A 302 13.09 1.92 8.14
CA GLY A 302 14.00 2.04 9.26
C GLY A 302 13.32 2.61 10.48
N PHE A 303 13.13 1.77 11.50
CA PHE A 303 12.43 2.16 12.72
C PHE A 303 13.41 2.18 13.88
N SER A 304 13.48 3.31 14.58
CA SER A 304 14.35 3.48 15.72
C SER A 304 13.52 3.62 16.98
N THR A 305 13.82 2.78 17.98
CA THR A 305 13.12 2.86 19.26
C THR A 305 13.66 3.96 20.16
N ALA A 306 14.82 4.53 19.84
CA ALA A 306 15.36 5.62 20.65
C ALA A 306 14.45 6.85 20.57
N GLU A 307 13.94 7.16 19.38
CA GLU A 307 13.07 8.30 19.18
C GLU A 307 11.59 7.93 19.20
N CYS A 308 11.27 6.70 19.57
CA CYS A 308 9.88 6.27 19.76
C CYS A 308 9.53 6.02 21.21
N GLU A 309 10.45 5.43 21.99
CA GLU A 309 10.19 5.22 23.41
C GLU A 309 10.06 6.55 24.14
N SER A 310 10.88 7.54 23.77
CA SER A 310 10.78 8.85 24.40
C SER A 310 9.43 9.50 24.10
N GLN A 311 8.97 9.42 22.86
CA GLN A 311 7.66 9.96 22.51
C GLN A 311 6.56 9.23 23.26
N LYS A 312 6.67 7.90 23.36
CA LYS A 312 5.66 7.13 24.09
C LYS A 312 5.60 7.54 25.55
N HIS A 313 6.76 7.74 26.18
CA HIS A 313 6.79 8.18 27.56
C HIS A 313 6.20 9.57 27.71
N ILE A 314 6.47 10.46 26.76
CA ILE A 314 5.92 11.82 26.82
C ILE A 314 4.40 11.78 26.74
N MET A 315 3.86 10.99 25.81
CA MET A 315 2.40 10.91 25.70
C MET A 315 1.78 10.19 26.89
N GLN A 316 2.48 9.22 27.50
CA GLN A 316 1.96 8.61 28.71
C GLN A 316 1.92 9.60 29.87
N ALA A 317 2.96 10.44 29.99
CA ALA A 317 2.95 11.49 30.98
C ALA A 317 1.80 12.46 30.75
N LYS A 318 1.57 12.84 29.50
CA LYS A 318 0.43 13.70 29.18
C LYS A 318 -0.89 13.00 29.53
N LEU A 319 -0.98 11.70 29.27
CA LEU A 319 -2.19 10.95 29.62
C LEU A 319 -2.46 11.02 31.11
N ASP A 320 -1.46 10.74 31.94
CA ASP A 320 -1.72 10.75 33.39
C ASP A 320 -1.98 12.16 33.89
N ALA A 321 -1.32 13.17 33.30
CA ALA A 321 -1.61 14.56 33.68
C ALA A 321 -3.05 14.93 33.36
N ILE A 322 -3.53 14.57 32.16
CA ILE A 322 -4.91 14.86 31.79
C ILE A 322 -5.87 14.08 32.68
N GLU A 323 -5.52 12.84 33.03
CA GLU A 323 -6.38 12.05 33.91
C GLU A 323 -6.52 12.71 35.27
N THR A 324 -5.40 13.15 35.86
CA THR A 324 -5.47 13.80 37.16
C THR A 324 -6.22 15.13 37.08
N GLN A 325 -6.00 15.90 36.00
CA GLN A 325 -6.71 17.17 35.85
C GLN A 325 -8.21 16.95 35.75
N ALA A 326 -8.63 15.97 34.94
CA ALA A 326 -10.05 15.69 34.81
C ALA A 326 -10.64 15.15 36.11
N TYR A 327 -9.86 14.34 36.85
CA TYR A 327 -10.34 13.83 38.12
C TYR A 327 -10.55 14.95 39.13
N GLN A 328 -9.63 15.92 39.17
CA GLN A 328 -9.78 17.01 40.12
C GLN A 328 -10.86 17.99 39.68
N LEU A 329 -11.09 18.11 38.37
CA LEU A 329 -12.14 19.00 37.88
C LEU A 329 -13.52 18.41 38.16
N ALA A 330 -13.70 17.11 37.89
CA ALA A 330 -14.99 16.48 38.11
C ALA A 330 -15.21 16.07 39.56
N GLY A 331 -14.16 16.04 40.36
CA GLY A 331 -14.27 15.68 41.77
C GLY A 331 -14.24 14.20 42.06
N HIS A 332 -14.15 13.36 41.03
CA HIS A 332 -14.13 11.91 41.23
C HIS A 332 -13.39 11.26 40.08
N SER A 333 -12.95 10.02 40.31
CA SER A 333 -12.24 9.25 39.30
C SER A 333 -13.23 8.46 38.45
N PHE A 334 -13.12 8.59 37.14
CA PHE A 334 -14.00 7.91 36.20
C PHE A 334 -13.18 7.32 35.07
N SER A 335 -13.72 6.27 34.45
CA SER A 335 -13.04 5.58 33.36
C SER A 335 -13.32 6.31 32.05
N PHE A 336 -12.25 6.73 31.36
CA PHE A 336 -12.42 7.45 30.10
C PHE A 336 -12.90 6.54 28.98
N THR A 337 -12.52 5.26 29.02
CA THR A 337 -12.84 4.36 27.91
C THR A 337 -14.35 4.15 27.79
N SER A 338 -15.05 4.05 28.91
CA SER A 338 -16.49 3.81 28.88
C SER A 338 -17.22 5.05 28.40
N SER A 339 -17.95 4.92 27.29
CA SER A 339 -18.67 6.06 26.73
C SER A 339 -19.85 6.46 27.59
N ASP A 340 -20.51 5.50 28.23
CA ASP A 340 -21.67 5.82 29.07
C ASP A 340 -21.27 6.68 30.26
N ASP A 341 -20.13 6.38 30.89
CA ASP A 341 -19.68 7.19 32.01
C ASP A 341 -19.33 8.61 31.57
N ILE A 342 -18.68 8.74 30.42
CA ILE A 342 -18.35 10.07 29.90
C ILE A 342 -19.62 10.85 29.61
N ALA A 343 -20.61 10.20 29.00
CA ALA A 343 -21.87 10.87 28.71
C ALA A 343 -22.58 11.30 29.98
N GLU A 344 -22.57 10.45 31.01
CA GLU A 344 -23.21 10.80 32.28
C GLU A 344 -22.49 11.96 32.95
N VAL A 345 -21.16 11.97 32.92
CA VAL A 345 -20.39 13.02 33.59
C VAL A 345 -20.54 14.35 32.86
N LEU A 346 -20.49 14.32 31.52
CA LEU A 346 -20.47 15.54 30.74
C LEU A 346 -21.87 16.10 30.49
N PHE A 347 -22.77 15.28 29.94
CA PHE A 347 -24.09 15.77 29.57
C PHE A 347 -24.99 16.00 30.78
N LEU A 348 -24.93 15.10 31.76
CA LEU A 348 -25.84 15.17 32.91
C LEU A 348 -25.24 15.98 34.07
N GLU A 349 -24.10 15.53 34.58
CA GLU A 349 -23.51 16.19 35.75
C GLU A 349 -23.09 17.62 35.42
N LEU A 350 -22.49 17.83 34.25
CA LEU A 350 -22.00 19.15 33.87
C LEU A 350 -22.99 19.94 33.04
N LYS A 351 -24.16 19.35 32.73
CA LYS A 351 -25.25 20.05 32.05
C LYS A 351 -24.82 20.62 30.70
N LEU A 352 -23.98 19.88 29.98
CA LEU A 352 -23.62 20.28 28.64
C LEU A 352 -24.80 20.04 27.69
N PRO A 353 -24.99 20.90 26.69
CA PRO A 353 -26.15 20.75 25.79
C PRO A 353 -26.03 19.49 24.96
N PRO A 354 -26.98 18.56 25.10
CA PRO A 354 -26.93 17.33 24.32
C PRO A 354 -27.29 17.56 22.87
N ASN A 355 -26.83 16.65 22.02
CA ASN A 355 -27.15 16.69 20.60
C ASN A 355 -28.38 15.85 20.29
N ARG A 356 -29.00 16.13 19.15
CA ARG A 356 -30.21 15.42 18.76
C ARG A 356 -29.93 13.94 18.52
N GLU A 357 -28.87 13.64 17.78
CA GLU A 357 -28.52 12.25 17.48
C GLU A 357 -27.06 12.15 17.03
N GLY A 383 -27.96 2.45 28.32
CA GLY A 383 -27.05 2.54 27.19
C GLY A 383 -27.56 3.40 26.06
N ARG A 384 -26.65 3.98 25.28
CA ARG A 384 -26.96 4.83 24.13
C ARG A 384 -27.81 6.04 24.52
N GLN A 385 -27.74 6.47 25.78
CA GLN A 385 -28.52 7.63 26.19
C GLN A 385 -28.05 8.90 25.48
N PHE A 386 -26.74 9.07 25.33
CA PHE A 386 -26.16 10.22 24.67
C PHE A 386 -25.03 9.77 23.77
N SER A 387 -24.76 10.55 22.73
CA SER A 387 -23.67 10.29 21.80
C SER A 387 -22.46 11.10 22.20
N THR A 388 -21.29 10.45 22.22
CA THR A 388 -20.06 11.10 22.64
C THR A 388 -19.05 11.06 21.48
N SER A 389 -19.51 11.38 20.28
CA SER A 389 -18.66 11.32 19.10
C SER A 389 -17.64 12.46 19.11
N LYS A 390 -16.74 12.42 18.12
CA LYS A 390 -15.69 13.44 18.04
C LYS A 390 -16.27 14.81 17.71
N ASP A 391 -17.25 14.86 16.80
CA ASP A 391 -17.78 16.15 16.36
C ASP A 391 -18.52 16.88 17.48
N VAL A 392 -19.31 16.16 18.27
CA VAL A 392 -20.02 16.81 19.37
C VAL A 392 -19.05 17.29 20.43
N LEU A 393 -17.99 16.53 20.69
CA LEU A 393 -16.96 16.97 21.63
C LEU A 393 -16.25 18.21 21.12
N ASN A 394 -15.95 18.26 19.82
CA ASN A 394 -15.33 19.45 19.24
C ASN A 394 -16.24 20.66 19.36
N LYS A 395 -17.54 20.46 19.12
CA LYS A 395 -18.49 21.56 19.27
C LYS A 395 -18.56 22.02 20.73
N LEU A 396 -18.48 21.09 21.68
CA LEU A 396 -18.56 21.41 23.09
C LEU A 396 -17.23 21.86 23.67
N LYS A 397 -16.16 21.86 22.88
CA LYS A 397 -14.85 22.27 23.41
C LYS A 397 -14.87 23.71 23.90
N ALA A 398 -15.50 24.61 23.15
CA ALA A 398 -15.52 26.02 23.53
C ALA A 398 -16.32 26.23 24.81
N LEU A 399 -17.44 25.51 24.96
CA LEU A 399 -18.32 25.74 26.09
C LEU A 399 -17.65 25.40 27.42
N HIS A 400 -16.94 24.26 27.48
CA HIS A 400 -16.33 23.82 28.72
C HIS A 400 -14.93 23.28 28.44
N PRO A 401 -13.98 23.53 29.34
CA PRO A 401 -12.62 22.97 29.15
C PRO A 401 -12.58 21.45 29.20
N LEU A 402 -13.44 20.81 29.97
CA LEU A 402 -13.34 19.36 30.17
C LEU A 402 -13.50 18.56 28.88
N PRO A 403 -14.49 18.83 28.01
CA PRO A 403 -14.57 18.06 26.75
C PRO A 403 -13.32 18.19 25.89
N GLY A 404 -12.65 19.34 25.90
CA GLY A 404 -11.40 19.46 25.18
C GLY A 404 -10.33 18.53 25.71
N LEU A 405 -10.21 18.44 27.03
CA LEU A 405 -9.25 17.51 27.62
C LEU A 405 -9.62 16.07 27.32
N ILE A 406 -10.92 15.76 27.33
CA ILE A 406 -11.36 14.40 27.01
C ILE A 406 -11.00 14.05 25.57
N LEU A 407 -11.24 14.97 24.64
CA LEU A 407 -10.92 14.72 23.24
C LEU A 407 -9.42 14.58 23.04
N GLU A 408 -8.62 15.42 23.70
CA GLU A 408 -7.18 15.31 23.58
C GLU A 408 -6.68 13.98 24.14
N TRP A 409 -7.23 13.55 25.28
CA TRP A 409 -6.86 12.25 25.84
C TRP A 409 -7.23 11.13 24.88
N ARG A 410 -8.41 11.22 24.27
CA ARG A 410 -8.83 10.20 23.31
C ARG A 410 -7.87 10.12 22.13
N ARG A 411 -7.50 11.25 21.57
CA ARG A 411 -6.52 11.14 20.47
C ARG A 411 -5.27 10.52 21.02
N ILE A 412 -4.67 11.15 21.96
CA ILE A 412 -3.33 10.68 22.33
C ILE A 412 -3.36 9.20 22.69
N THR A 413 -4.45 8.72 23.31
CA THR A 413 -4.52 7.29 23.62
C THR A 413 -4.75 6.46 22.37
N ASN A 414 -5.44 7.01 21.36
CA ASN A 414 -5.51 6.32 20.07
C ASN A 414 -4.13 6.24 19.42
N ALA A 415 -3.34 7.30 19.56
CA ALA A 415 -1.97 7.25 19.05
C ALA A 415 -1.11 6.24 19.83
N ILE A 416 -1.34 6.13 21.13
CA ILE A 416 -0.50 5.28 21.96
C ILE A 416 -0.93 3.81 21.97
N THR A 417 -2.15 3.49 21.55
CA THR A 417 -2.61 2.11 21.51
C THR A 417 -2.72 1.56 20.10
N LYS A 418 -3.35 2.30 19.19
CA LYS A 418 -3.54 1.83 17.83
C LYS A 418 -2.32 2.03 16.95
N VAL A 419 -1.31 2.76 17.42
CA VAL A 419 -0.14 3.06 16.60
C VAL A 419 1.13 2.63 17.32
N VAL A 420 1.30 3.07 18.57
CA VAL A 420 2.53 2.78 19.31
C VAL A 420 2.68 1.28 19.53
N PHE A 421 1.60 0.63 19.96
CA PHE A 421 1.67 -0.81 20.21
C PHE A 421 1.91 -1.62 18.94
N PRO A 422 1.20 -1.41 17.83
CA PRO A 422 1.51 -2.20 16.62
C PRO A 422 2.94 -2.00 16.14
N LEU A 423 3.48 -0.78 16.22
CA LEU A 423 4.85 -0.55 15.76
C LEU A 423 5.86 -1.23 16.68
N GLN A 424 5.68 -1.09 17.99
CA GLN A 424 6.64 -1.67 18.93
C GLN A 424 6.55 -3.19 18.98
N ARG A 425 5.38 -3.74 18.68
CA ARG A 425 5.19 -5.19 18.78
C ARG A 425 6.00 -5.93 17.71
N GLU A 426 6.02 -5.40 16.49
CA GLU A 426 6.67 -6.06 15.36
C GLU A 426 7.77 -5.16 14.79
N LYS A 427 8.97 -5.33 15.31
CA LYS A 427 10.15 -4.68 14.77
C LYS A 427 11.27 -5.71 14.69
N CYS A 428 11.91 -5.81 13.54
CA CYS A 428 12.93 -6.82 13.29
C CYS A 428 14.31 -6.17 13.38
N LEU A 429 15.11 -6.62 14.35
CA LEU A 429 16.47 -6.13 14.53
C LEU A 429 17.41 -7.01 13.71
N ASN A 430 17.88 -6.50 12.59
CA ASN A 430 18.78 -7.25 11.72
C ASN A 430 20.17 -6.65 11.78
N PRO A 431 21.19 -7.45 12.09
CA PRO A 431 22.55 -6.90 12.19
C PRO A 431 23.12 -6.44 10.85
N PHE A 432 22.53 -6.86 9.72
CA PHE A 432 23.10 -6.53 8.42
C PHE A 432 23.03 -5.02 8.17
N LEU A 433 21.90 -4.40 8.47
CA LEU A 433 21.78 -2.95 8.38
C LEU A 433 22.21 -2.24 9.67
N GLY A 434 22.46 -2.98 10.73
CA GLY A 434 22.92 -2.39 11.97
C GLY A 434 21.89 -1.63 12.77
N MET A 435 20.61 -1.74 12.42
CA MET A 435 19.58 -1.01 13.13
C MET A 435 18.25 -1.72 12.94
N GLU A 436 17.30 -1.40 13.82
CA GLU A 436 15.98 -2.00 13.76
C GLU A 436 15.20 -1.45 12.56
N ARG A 437 14.35 -2.31 12.00
CA ARG A 437 13.47 -1.94 10.90
C ARG A 437 12.11 -2.56 11.14
N ILE A 438 11.16 -2.24 10.27
CA ILE A 438 9.83 -2.83 10.31
C ILE A 438 9.42 -3.18 8.89
N TYR A 439 8.97 -4.42 8.69
CA TYR A 439 8.61 -4.90 7.35
C TYR A 439 7.10 -5.07 7.26
N PRO A 440 6.38 -4.12 6.68
CA PRO A 440 4.93 -4.27 6.51
C PRO A 440 4.62 -5.20 5.35
N VAL A 441 3.37 -5.62 5.27
CA VAL A 441 2.90 -6.46 4.18
C VAL A 441 2.11 -5.59 3.22
N SER A 442 2.59 -5.48 1.99
CA SER A 442 1.97 -4.59 1.01
C SER A 442 0.79 -5.28 0.37
N GLN A 443 -0.40 -4.69 0.51
CA GLN A 443 -1.62 -5.19 -0.10
C GLN A 443 -2.03 -4.24 -1.23
N SER A 444 -2.15 -4.77 -2.44
CA SER A 444 -2.53 -3.99 -3.60
C SER A 444 -3.94 -4.31 -4.08
N HIS A 445 -4.71 -5.05 -3.30
CA HIS A 445 -6.06 -5.46 -3.70
C HIS A 445 -7.13 -4.46 -3.27
N THR A 446 -6.76 -3.19 -3.11
CA THR A 446 -7.76 -2.19 -2.80
C THR A 446 -8.67 -1.95 -4.00
N ALA A 447 -9.81 -1.33 -3.74
CA ALA A 447 -10.85 -1.17 -4.76
C ALA A 447 -10.58 -0.01 -5.70
N THR A 448 -9.54 0.79 -5.47
CA THR A 448 -9.25 1.96 -6.30
C THR A 448 -7.86 1.92 -6.91
N GLY A 449 -7.14 0.80 -6.79
CA GLY A 449 -5.78 0.72 -7.25
C GLY A 449 -4.75 1.23 -6.28
N ARG A 450 -5.17 1.71 -5.12
CA ARG A 450 -4.26 2.20 -4.10
C ARG A 450 -3.46 1.04 -3.51
N ILE A 451 -2.37 1.38 -2.83
CA ILE A 451 -1.51 0.40 -2.17
C ILE A 451 -1.58 0.66 -0.68
N THR A 452 -2.04 -0.32 0.07
CA THR A 452 -2.15 -0.22 1.52
C THR A 452 -1.15 -1.15 2.18
N PHE A 453 -1.01 -1.01 3.49
CA PHE A 453 -0.06 -1.82 4.24
C PHE A 453 -0.79 -2.47 5.41
N THR A 454 -0.58 -3.77 5.57
CA THR A 454 -1.17 -4.55 6.66
C THR A 454 -0.06 -5.08 7.54
N GLU A 455 -0.39 -5.22 8.82
CA GLU A 455 0.50 -5.76 9.84
C GLU A 455 1.84 -5.01 9.86
N PRO A 456 1.88 -3.76 10.33
CA PRO A 456 0.76 -2.88 10.70
C PRO A 456 0.38 -1.99 9.52
N ASN A 457 -0.38 -0.92 9.74
CA ASN A 457 -0.61 0.10 8.73
C ASN A 457 0.31 1.27 9.03
N ILE A 458 1.40 1.39 8.26
CA ILE A 458 2.36 2.45 8.50
C ILE A 458 1.79 3.81 8.14
N GLN A 459 1.04 3.89 7.04
CA GLN A 459 0.49 5.17 6.61
C GLN A 459 -0.45 5.76 7.66
N ASN A 460 -1.06 4.92 8.49
CA ASN A 460 -1.94 5.39 9.57
C ASN A 460 -1.14 5.66 10.83
N VAL A 461 -0.18 6.57 10.70
CA VAL A 461 0.64 7.04 11.81
C VAL A 461 0.32 8.51 12.04
N PRO A 462 0.06 8.92 13.28
CA PRO A 462 -0.31 10.33 13.53
C PRO A 462 0.79 11.28 13.08
N ARG A 463 0.37 12.40 12.51
CA ARG A 463 1.30 13.38 11.97
C ARG A 463 1.76 14.32 13.09
N ASP A 464 2.38 15.43 12.71
CA ASP A 464 2.89 16.39 13.68
C ASP A 464 1.75 17.16 14.33
N PHE A 465 1.29 16.68 15.49
CA PHE A 465 0.31 17.40 16.30
C PHE A 465 0.99 17.84 17.59
N GLU A 466 0.79 19.10 17.96
CA GLU A 466 1.50 19.71 19.07
C GLU A 466 0.60 19.83 20.28
N ILE A 467 1.06 19.30 21.41
CA ILE A 467 0.39 19.44 22.69
C ILE A 467 1.43 19.75 23.75
N LYS A 468 1.11 20.66 24.66
CA LYS A 468 2.03 21.12 25.68
C LYS A 468 1.45 20.90 27.07
N MET A 469 2.31 20.52 28.01
CA MET A 469 1.93 20.30 29.39
C MET A 469 2.81 21.13 30.31
N PRO A 470 2.29 21.54 31.48
CA PRO A 470 3.07 22.32 32.44
C PRO A 470 4.28 21.56 32.98
N MET A 517 6.80 26.31 23.57
CA MET A 517 6.05 25.55 24.56
C MET A 517 5.47 24.23 24.04
N PRO A 518 4.81 24.23 22.87
CA PRO A 518 4.32 22.96 22.32
C PRO A 518 5.48 22.02 21.99
N PHE A 519 5.23 20.73 22.14
CA PHE A 519 6.26 19.71 21.92
C PHE A 519 6.28 19.18 20.49
N SER A 520 5.18 19.33 19.75
CA SER A 520 5.04 18.76 18.42
C SER A 520 5.30 17.25 18.43
N ILE A 521 4.46 16.55 19.18
CA ILE A 521 4.61 15.11 19.36
C ILE A 521 4.12 14.39 18.11
N SER A 522 4.97 13.53 17.56
CA SER A 522 4.63 12.76 16.37
C SER A 522 5.50 11.53 16.34
N MET A 523 4.92 10.41 15.89
CA MET A 523 5.68 9.18 15.75
C MET A 523 6.33 9.04 14.38
N ARG A 524 6.10 9.99 13.48
CA ARG A 524 6.79 9.97 12.19
C ARG A 524 8.29 10.20 12.35
N HIS A 525 8.72 10.87 13.41
CA HIS A 525 10.14 11.05 13.66
C HIS A 525 10.83 9.73 13.98
N ALA A 526 10.09 8.73 14.45
CA ALA A 526 10.69 7.45 14.83
C ALA A 526 11.23 6.67 13.64
N PHE A 527 10.92 7.09 12.41
CA PHE A 527 11.33 6.33 11.22
C PHE A 527 12.69 6.82 10.74
N VAL A 528 13.70 6.52 11.53
CA VAL A 528 15.08 6.94 11.23
C VAL A 528 15.69 5.93 10.26
N PRO A 529 16.29 6.38 9.15
CA PRO A 529 16.90 5.44 8.20
C PRO A 529 18.19 4.83 8.72
N PHE A 530 18.86 4.05 7.87
CA PHE A 530 20.11 3.42 8.27
C PHE A 530 21.20 4.48 8.45
N PRO A 531 22.21 4.20 9.26
CA PRO A 531 23.29 5.18 9.46
C PRO A 531 23.97 5.51 8.15
N GLY A 532 24.31 6.79 7.98
CA GLY A 532 24.82 7.27 6.71
C GLY A 532 23.76 7.27 5.62
N GLY A 533 22.53 7.64 5.97
CA GLY A 533 21.45 7.69 4.99
C GLY A 533 20.36 8.63 5.47
N SER A 534 19.61 9.14 4.50
CA SER A 534 18.56 10.12 4.78
C SER A 534 17.30 9.76 4.03
N ILE A 535 16.16 9.89 4.72
CA ILE A 535 14.87 9.68 4.07
C ILE A 535 14.63 10.76 3.04
N LEU A 536 14.16 10.37 1.87
CA LEU A 536 13.94 11.26 0.73
C LEU A 536 12.52 11.05 0.21
N ALA A 537 11.57 11.77 0.79
CA ALA A 537 10.19 11.66 0.33
C ALA A 537 9.98 12.56 -0.89
N ALA A 538 8.96 12.24 -1.68
CA ALA A 538 8.65 12.99 -2.89
C ALA A 538 7.13 13.12 -2.97
N ASP A 539 6.62 14.22 -2.42
CA ASP A 539 5.17 14.43 -2.32
C ASP A 539 4.65 15.10 -3.57
N TYR A 540 3.64 14.50 -4.18
CA TYR A 540 2.95 15.14 -5.29
C TYR A 540 2.25 16.39 -4.79
N SER A 541 2.42 17.50 -5.52
CA SER A 541 1.82 18.78 -5.13
C SER A 541 0.40 18.81 -5.68
N GLN A 542 -0.55 18.35 -4.87
CA GLN A 542 -1.96 18.28 -5.23
C GLN A 542 -2.16 17.48 -6.52
N LEU A 543 -1.74 16.22 -6.47
CA LEU A 543 -1.89 15.35 -7.63
C LEU A 543 -3.36 15.17 -7.99
N GLU A 544 -4.22 15.03 -6.99
CA GLU A 544 -5.64 14.82 -7.25
C GLU A 544 -6.26 16.00 -7.97
N LEU A 545 -5.94 17.23 -7.52
CA LEU A 545 -6.50 18.41 -8.18
C LEU A 545 -5.96 18.56 -9.60
N ARG A 546 -4.66 18.30 -9.81
CA ARG A 546 -4.11 18.39 -11.15
C ARG A 546 -4.73 17.38 -12.08
N ILE A 547 -4.92 16.14 -11.61
CA ILE A 547 -5.54 15.12 -12.45
C ILE A 547 -6.99 15.49 -12.75
N LEU A 548 -7.72 16.00 -11.75
CA LEU A 548 -9.09 16.41 -12.00
C LEU A 548 -9.16 17.54 -13.01
N ALA A 549 -8.23 18.49 -12.93
CA ALA A 549 -8.16 19.54 -13.94
C ALA A 549 -7.81 18.96 -15.31
N HIS A 550 -7.03 17.88 -15.34
CA HIS A 550 -6.69 17.26 -16.61
C HIS A 550 -7.91 16.67 -17.28
N LEU A 551 -8.68 15.85 -16.55
CA LEU A 551 -9.86 15.27 -17.20
C LEU A 551 -11.08 16.19 -17.17
N SER A 552 -10.98 17.38 -16.59
CA SER A 552 -12.07 18.34 -16.63
C SER A 552 -11.82 19.50 -17.58
N HIS A 553 -10.57 19.78 -17.93
CA HIS A 553 -10.21 20.86 -18.83
C HIS A 553 -10.75 22.21 -18.33
N ASP A 554 -10.66 22.43 -17.02
CA ASP A 554 -11.00 23.73 -16.45
C ASP A 554 -9.87 24.70 -16.71
N ARG A 555 -10.15 25.76 -17.47
CA ARG A 555 -9.12 26.76 -17.75
C ARG A 555 -8.65 27.43 -16.46
N ARG A 556 -9.59 27.76 -15.57
CA ARG A 556 -9.22 28.40 -14.32
C ARG A 556 -8.40 27.47 -13.43
N LEU A 557 -8.81 26.20 -13.34
CA LEU A 557 -8.05 25.25 -12.54
C LEU A 557 -6.66 25.00 -13.13
N ILE A 558 -6.57 24.89 -14.45
CA ILE A 558 -5.27 24.68 -15.08
C ILE A 558 -4.37 25.87 -14.85
N GLN A 559 -4.90 27.09 -15.00
CA GLN A 559 -4.07 28.28 -14.81
C GLN A 559 -3.74 28.54 -13.35
N VAL A 560 -4.54 28.01 -12.41
CA VAL A 560 -4.23 28.17 -11.00
C VAL A 560 -3.33 27.05 -10.48
N LEU A 561 -3.24 25.92 -11.19
CA LEU A 561 -2.31 24.86 -10.82
C LEU A 561 -0.95 25.01 -11.49
N ASN A 562 -0.91 25.56 -12.71
CA ASN A 562 0.37 25.74 -13.38
C ASN A 562 1.27 26.69 -12.61
N THR A 563 0.70 27.65 -11.91
CA THR A 563 1.46 28.55 -11.05
C THR A 563 1.54 27.98 -9.64
N GLY A 564 2.43 28.57 -8.84
CA GLY A 564 2.56 28.17 -7.45
C GLY A 564 1.50 28.81 -6.57
N ALA A 565 0.24 28.72 -7.00
CA ALA A 565 -0.84 29.41 -6.28
C ALA A 565 -1.16 28.74 -4.95
N ASP A 566 -1.02 27.41 -4.86
CA ASP A 566 -1.34 26.66 -3.65
C ASP A 566 -2.80 26.88 -3.25
N VAL A 567 -3.68 26.35 -4.11
CA VAL A 567 -5.12 26.58 -4.01
C VAL A 567 -5.67 26.28 -2.62
N PHE A 568 -5.06 25.33 -1.90
CA PHE A 568 -5.50 25.03 -0.54
C PHE A 568 -5.28 26.22 0.37
N ARG A 569 -4.12 26.87 0.27
CA ARG A 569 -3.87 28.08 1.05
C ARG A 569 -4.85 29.19 0.67
N SER A 570 -5.15 29.32 -0.63
CA SER A 570 -6.10 30.34 -1.06
C SER A 570 -7.48 30.12 -0.47
N ILE A 571 -7.96 28.87 -0.51
CA ILE A 571 -9.29 28.59 0.02
C ILE A 571 -9.31 28.73 1.54
N ALA A 572 -8.21 28.38 2.22
CA ALA A 572 -8.14 28.60 3.66
C ALA A 572 -8.20 30.10 3.98
N ALA A 573 -7.46 30.92 3.22
CA ALA A 573 -7.48 32.35 3.43
C ALA A 573 -8.86 32.94 3.17
N GLU A 574 -9.53 32.45 2.13
CA GLU A 574 -10.89 32.92 1.85
C GLU A 574 -11.85 32.52 2.96
N TRP A 575 -11.69 31.32 3.50
CA TRP A 575 -12.57 30.85 4.57
C TRP A 575 -12.36 31.64 5.85
N LYS A 576 -11.12 31.82 6.26
CA LYS A 576 -10.81 32.47 7.53
C LYS A 576 -10.61 33.97 7.42
N MET A 577 -10.71 34.53 6.22
CA MET A 577 -10.56 35.99 6.00
C MET A 577 -9.23 36.49 6.55
N ILE A 578 -8.17 35.72 6.35
CA ILE A 578 -6.83 36.07 6.81
C ILE A 578 -5.87 35.98 5.64
N GLU A 579 -4.63 36.39 5.88
CA GLU A 579 -3.60 36.29 4.87
C GLU A 579 -3.26 34.82 4.60
N PRO A 580 -2.95 34.48 3.35
CA PRO A 580 -2.57 33.08 3.05
C PRO A 580 -1.36 32.61 3.84
N GLU A 581 -0.39 33.49 4.08
CA GLU A 581 0.79 33.10 4.85
C GLU A 581 0.48 32.95 6.33
N SER A 582 -0.65 33.48 6.81
CA SER A 582 -1.02 33.38 8.20
C SER A 582 -1.67 32.04 8.55
N VAL A 583 -1.94 31.19 7.55
CA VAL A 583 -2.59 29.92 7.82
C VAL A 583 -1.63 28.97 8.53
N GLY A 584 -2.20 28.06 9.32
CA GLY A 584 -1.44 27.02 9.99
C GLY A 584 -1.55 25.69 9.27
N ASP A 585 -0.84 24.70 9.81
CA ASP A 585 -0.86 23.38 9.22
C ASP A 585 -2.22 22.71 9.39
N ASP A 586 -2.79 22.76 10.60
CA ASP A 586 -4.07 22.13 10.84
C ASP A 586 -5.19 22.87 10.11
N LEU A 587 -5.13 24.20 10.07
CA LEU A 587 -6.13 24.96 9.33
C LEU A 587 -6.07 24.65 7.85
N ARG A 588 -4.86 24.56 7.29
CA ARG A 588 -4.72 24.20 5.88
C ARG A 588 -5.23 22.78 5.62
N GLN A 589 -4.95 21.86 6.53
CA GLN A 589 -5.44 20.50 6.36
C GLN A 589 -6.97 20.46 6.40
N GLN A 590 -7.58 21.20 7.31
CA GLN A 590 -9.04 21.27 7.36
C GLN A 590 -9.60 21.88 6.07
N ALA A 591 -8.93 22.92 5.55
CA ALA A 591 -9.36 23.53 4.30
C ALA A 591 -9.27 22.55 3.14
N LYS A 592 -8.20 21.76 3.10
CA LYS A 592 -8.04 20.79 2.02
C LYS A 592 -9.07 19.68 2.15
N GLN A 593 -9.39 19.30 3.36
CA GLN A 593 -10.45 18.28 3.58
C GLN A 593 -11.78 18.83 3.08
N ILE A 594 -12.07 20.09 3.39
CA ILE A 594 -13.30 20.73 2.92
C ILE A 594 -13.32 20.75 1.40
N CYS A 595 -12.23 21.23 0.79
CA CYS A 595 -12.19 21.39 -0.66
C CYS A 595 -12.37 20.05 -1.37
N TYR A 596 -11.67 19.02 -0.91
CA TYR A 596 -11.88 17.70 -1.47
C TYR A 596 -13.28 17.19 -1.19
N GLY A 597 -13.90 17.62 -0.09
CA GLY A 597 -15.27 17.25 0.17
C GLY A 597 -16.23 17.77 -0.88
N ILE A 598 -16.12 19.06 -1.22
CA ILE A 598 -16.95 19.54 -2.32
C ILE A 598 -16.53 18.88 -3.63
N ILE A 599 -15.25 18.61 -3.81
CA ILE A 599 -14.76 18.08 -5.07
C ILE A 599 -15.38 16.72 -5.34
N TYR A 600 -15.43 15.86 -4.33
CA TYR A 600 -16.02 14.53 -4.45
C TYR A 600 -17.53 14.52 -4.21
N GLY A 601 -18.10 15.64 -3.78
CA GLY A 601 -19.52 15.69 -3.51
C GLY A 601 -19.84 15.52 -2.04
N MET A 602 -20.21 16.62 -1.38
CA MET A 602 -20.49 16.63 0.06
C MET A 602 -21.91 17.15 0.29
N GLY A 603 -22.60 16.53 1.24
CA GLY A 603 -23.89 17.05 1.65
C GLY A 603 -23.76 18.36 2.39
N ALA A 604 -24.82 19.17 2.31
CA ALA A 604 -24.81 20.47 2.97
C ALA A 604 -24.70 20.31 4.49
N LYS A 605 -25.40 19.33 5.06
CA LYS A 605 -25.38 19.15 6.51
C LYS A 605 -23.99 18.77 7.01
N SER A 606 -23.34 17.82 6.35
CA SER A 606 -22.02 17.38 6.79
C SER A 606 -20.99 18.50 6.63
N LEU A 607 -21.06 19.24 5.53
CA LEU A 607 -20.17 20.38 5.35
C LEU A 607 -20.42 21.43 6.43
N GLY A 608 -21.67 21.62 6.82
CA GLY A 608 -21.96 22.56 7.89
C GLY A 608 -21.39 22.10 9.22
N GLU A 609 -21.55 20.81 9.55
CA GLU A 609 -21.01 20.32 10.82
C GLU A 609 -19.49 20.41 10.85
N GLN A 610 -18.83 20.08 9.74
CA GLN A 610 -17.36 20.12 9.73
C GLN A 610 -16.85 21.55 9.71
N MET A 611 -17.48 22.42 8.92
CA MET A 611 -17.02 23.80 8.77
C MET A 611 -17.43 24.69 9.94
N GLY A 612 -18.31 24.21 10.81
CA GLY A 612 -18.77 25.03 11.92
C GLY A 612 -19.72 26.14 11.52
N ILE A 613 -20.39 26.01 10.37
CA ILE A 613 -21.31 27.02 9.88
C ILE A 613 -22.69 26.39 9.72
N LYS A 614 -23.68 27.23 9.41
CA LYS A 614 -25.05 26.78 9.27
C LYS A 614 -25.22 25.94 8.01
N GLU A 615 -26.33 25.19 7.97
CA GLU A 615 -26.61 24.34 6.82
C GLU A 615 -26.83 25.16 5.55
N ASN A 616 -27.58 26.27 5.67
CA ASN A 616 -27.79 27.13 4.51
C ASN A 616 -26.50 27.76 4.03
N ASP A 617 -25.63 28.17 4.96
CA ASP A 617 -24.34 28.71 4.58
C ASP A 617 -23.48 27.66 3.90
N ALA A 618 -23.52 26.42 4.39
CA ALA A 618 -22.80 25.34 3.73
C ALA A 618 -23.33 25.09 2.33
N ALA A 619 -24.65 25.14 2.16
CA ALA A 619 -25.24 24.95 0.84
C ALA A 619 -24.82 26.06 -0.11
N CYS A 620 -24.80 27.31 0.37
CA CYS A 620 -24.36 28.41 -0.47
C CYS A 620 -22.87 28.29 -0.82
N TYR A 621 -22.07 27.79 0.13
CA TYR A 621 -20.66 27.53 -0.18
C TYR A 621 -20.51 26.45 -1.25
N ILE A 622 -21.33 25.39 -1.16
CA ILE A 622 -21.31 24.34 -2.17
C ILE A 622 -21.67 24.92 -3.53
N ASP A 623 -22.72 25.75 -3.57
CA ASP A 623 -23.16 26.34 -4.83
C ASP A 623 -22.08 27.26 -5.41
N SER A 624 -21.43 28.06 -4.56
CA SER A 624 -20.38 28.95 -5.05
C SER A 624 -19.19 28.16 -5.59
N PHE A 625 -18.80 27.09 -4.88
CA PHE A 625 -17.71 26.25 -5.36
C PHE A 625 -18.06 25.59 -6.68
N LYS A 626 -19.31 25.12 -6.82
CA LYS A 626 -19.74 24.48 -8.06
C LYS A 626 -19.77 25.47 -9.21
N SER A 627 -20.26 26.69 -8.96
CA SER A 627 -20.36 27.69 -10.02
C SER A 627 -18.99 28.21 -10.42
N ARG A 628 -18.05 28.31 -9.47
CA ARG A 628 -16.73 28.80 -9.80
C ARG A 628 -16.02 27.88 -10.78
N TYR A 629 -16.15 26.58 -10.60
CA TYR A 629 -15.53 25.59 -11.48
C TYR A 629 -16.65 24.79 -12.15
N THR A 630 -17.15 25.30 -13.27
CA THR A 630 -18.22 24.60 -13.99
C THR A 630 -17.70 23.39 -14.73
N GLY A 631 -16.40 23.39 -15.09
CA GLY A 631 -15.82 22.23 -15.73
C GLY A 631 -15.77 21.02 -14.81
N ILE A 632 -15.56 21.23 -13.51
CA ILE A 632 -15.61 20.13 -12.56
C ILE A 632 -16.99 19.50 -12.55
N ASN A 633 -18.04 20.33 -12.56
CA ASN A 633 -19.40 19.80 -12.61
C ASN A 633 -19.65 19.07 -13.92
N GLN A 634 -19.15 19.61 -15.04
CA GLN A 634 -19.32 18.94 -16.31
C GLN A 634 -18.66 17.56 -16.30
N PHE A 635 -17.43 17.48 -15.78
CA PHE A 635 -16.74 16.20 -15.70
C PHE A 635 -17.48 15.24 -14.78
N MET A 636 -17.96 15.73 -13.64
CA MET A 636 -18.67 14.86 -12.70
C MET A 636 -19.94 14.30 -13.32
N THR A 637 -20.72 15.15 -13.99
CA THR A 637 -21.93 14.67 -14.65
C THR A 637 -21.60 13.69 -15.77
N GLU A 638 -20.56 13.99 -16.55
CA GLU A 638 -20.18 13.10 -17.65
C GLU A 638 -19.75 11.73 -17.13
N THR A 639 -18.94 11.71 -16.06
CA THR A 639 -18.48 10.43 -15.53
C THR A 639 -19.59 9.67 -14.82
N VAL A 640 -20.54 10.38 -14.20
CA VAL A 640 -21.69 9.70 -13.62
C VAL A 640 -22.53 9.07 -14.71
N LYS A 641 -22.76 9.79 -15.81
CA LYS A 641 -23.51 9.23 -16.93
C LYS A 641 -22.78 8.04 -17.53
N ASN A 642 -21.46 8.12 -17.66
CA ASN A 642 -20.69 7.02 -18.20
C ASN A 642 -20.76 5.79 -17.30
N CYS A 643 -20.68 5.99 -15.98
CA CYS A 643 -20.81 4.88 -15.05
C CYS A 643 -22.20 4.26 -15.12
N LYS A 644 -23.23 5.09 -15.26
CA LYS A 644 -24.58 4.56 -15.36
C LYS A 644 -24.78 3.78 -16.66
N ARG A 645 -24.17 4.24 -17.75
CA ARG A 645 -24.37 3.60 -19.05
C ARG A 645 -23.55 2.33 -19.18
N ASP A 646 -22.22 2.45 -19.09
CA ASP A 646 -21.36 1.29 -19.29
C ASP A 646 -21.36 0.34 -18.10
N GLY A 647 -21.84 0.77 -16.94
CA GLY A 647 -21.82 -0.05 -15.75
C GLY A 647 -20.52 -0.02 -14.98
N PHE A 648 -19.52 0.71 -15.45
CA PHE A 648 -18.22 0.81 -14.78
C PHE A 648 -17.62 2.17 -15.10
N VAL A 649 -16.44 2.41 -14.55
CA VAL A 649 -15.70 3.66 -14.80
C VAL A 649 -14.33 3.30 -15.34
N GLN A 650 -13.73 4.25 -16.05
CA GLN A 650 -12.45 4.04 -16.72
C GLN A 650 -11.40 4.95 -16.10
N THR A 651 -10.37 4.34 -15.53
CA THR A 651 -9.18 5.07 -15.13
C THR A 651 -8.45 5.57 -16.38
N ILE A 652 -7.68 6.66 -16.21
CA ILE A 652 -6.99 7.26 -17.34
C ILE A 652 -5.87 6.39 -17.90
N LEU A 653 -5.48 5.32 -17.19
CA LEU A 653 -4.59 4.31 -17.75
C LEU A 653 -5.32 3.05 -18.21
N GLY A 654 -6.65 3.04 -18.16
CA GLY A 654 -7.44 1.98 -18.74
C GLY A 654 -8.02 0.98 -17.75
N ARG A 655 -7.53 0.95 -16.51
CA ARG A 655 -8.09 0.04 -15.53
C ARG A 655 -9.54 0.41 -15.23
N ARG A 656 -10.36 -0.61 -14.97
CA ARG A 656 -11.79 -0.43 -14.78
C ARG A 656 -12.22 -0.91 -13.40
N ARG A 657 -13.19 -0.21 -12.83
CA ARG A 657 -13.83 -0.60 -11.57
C ARG A 657 -15.33 -0.69 -11.81
N TYR A 658 -15.92 -1.80 -11.36
CA TYR A 658 -17.33 -2.08 -11.62
C TYR A 658 -18.17 -1.65 -10.43
N LEU A 659 -19.21 -0.87 -10.69
CA LEU A 659 -20.12 -0.36 -9.66
C LEU A 659 -21.55 -0.63 -10.07
N PRO A 660 -22.06 -1.83 -9.79
CA PRO A 660 -23.48 -2.10 -10.04
C PRO A 660 -24.41 -1.25 -9.18
N GLY A 661 -23.91 -0.73 -8.06
CA GLY A 661 -24.76 0.00 -7.13
C GLY A 661 -25.36 1.27 -7.69
N ILE A 662 -24.85 1.76 -8.82
CA ILE A 662 -25.46 2.93 -9.44
C ILE A 662 -26.85 2.60 -9.96
N LYS A 663 -27.09 1.34 -10.32
CA LYS A 663 -28.41 0.91 -10.76
C LYS A 663 -29.35 0.59 -9.61
N ASP A 664 -28.88 0.70 -8.37
CA ASP A 664 -29.73 0.41 -7.22
C ASP A 664 -30.85 1.44 -7.12
N ASN A 665 -32.02 0.98 -6.71
CA ASN A 665 -33.18 1.86 -6.60
C ASN A 665 -33.08 2.81 -5.40
N ASN A 666 -32.30 2.47 -4.40
CA ASN A 666 -32.18 3.31 -3.21
C ASN A 666 -31.48 4.62 -3.59
N PRO A 667 -32.07 5.78 -3.26
CA PRO A 667 -31.38 7.05 -3.54
C PRO A 667 -30.03 7.16 -2.85
N TYR A 668 -29.93 6.64 -1.62
CA TYR A 668 -28.64 6.63 -0.92
C TYR A 668 -27.63 5.83 -1.73
N ARG A 669 -28.00 4.63 -2.16
CA ARG A 669 -27.07 3.80 -2.93
C ARG A 669 -26.70 4.47 -4.25
N LYS A 670 -27.67 5.11 -4.91
CA LYS A 670 -27.39 5.77 -6.18
C LYS A 670 -26.38 6.91 -6.01
N ALA A 671 -26.63 7.79 -5.02
CA ALA A 671 -25.71 8.90 -4.79
C ALA A 671 -24.34 8.40 -4.34
N HIS A 672 -24.32 7.38 -3.49
CA HIS A 672 -23.06 6.82 -3.03
C HIS A 672 -22.27 6.23 -4.18
N ALA A 673 -22.95 5.55 -5.10
CA ALA A 673 -22.27 4.97 -6.24
C ALA A 673 -21.79 6.04 -7.22
N GLU A 674 -22.54 7.14 -7.35
CA GLU A 674 -22.08 8.22 -8.22
C GLU A 674 -20.80 8.86 -7.66
N ARG A 675 -20.82 9.22 -6.38
CA ARG A 675 -19.62 9.79 -5.77
C ARG A 675 -18.49 8.78 -5.72
N GLN A 676 -18.82 7.50 -5.55
CA GLN A 676 -17.82 6.44 -5.61
C GLN A 676 -17.18 6.37 -6.99
N ALA A 677 -17.99 6.52 -8.03
CA ALA A 677 -17.45 6.50 -9.39
C ALA A 677 -16.51 7.67 -9.63
N ILE A 678 -16.91 8.87 -9.20
CA ILE A 678 -16.07 10.05 -9.41
C ILE A 678 -14.74 9.89 -8.67
N ASN A 679 -14.81 9.54 -7.39
CA ASN A 679 -13.57 9.37 -6.65
C ASN A 679 -12.77 8.17 -7.16
N THR A 680 -13.45 7.15 -7.67
CA THR A 680 -12.73 5.98 -8.16
C THR A 680 -11.90 6.34 -9.38
N ILE A 681 -12.51 7.04 -10.35
CA ILE A 681 -11.72 7.42 -11.53
C ILE A 681 -10.57 8.33 -11.14
N VAL A 682 -10.85 9.35 -10.31
CA VAL A 682 -9.81 10.32 -9.98
C VAL A 682 -8.69 9.66 -9.17
N GLN A 683 -9.06 8.90 -8.14
CA GLN A 683 -8.08 8.27 -7.26
C GLN A 683 -7.33 7.14 -7.94
N GLY A 684 -7.99 6.39 -8.82
CA GLY A 684 -7.28 5.40 -9.60
C GLY A 684 -6.28 6.02 -10.55
N SER A 685 -6.64 7.16 -11.14
CA SER A 685 -5.67 7.88 -11.95
C SER A 685 -4.48 8.31 -11.11
N ALA A 686 -4.73 8.84 -9.91
CA ALA A 686 -3.63 9.25 -9.05
C ALA A 686 -2.75 8.07 -8.65
N ALA A 687 -3.36 6.95 -8.29
CA ALA A 687 -2.60 5.77 -7.88
C ALA A 687 -1.81 5.19 -9.04
N ASP A 688 -2.38 5.21 -10.25
CA ASP A 688 -1.65 4.72 -11.40
C ASP A 688 -0.50 5.65 -11.77
N ILE A 689 -0.69 6.97 -11.60
CA ILE A 689 0.41 7.89 -11.82
C ILE A 689 1.54 7.62 -10.84
N VAL A 690 1.21 7.42 -9.56
CA VAL A 690 2.26 7.16 -8.58
C VAL A 690 2.90 5.81 -8.82
N LYS A 691 2.16 4.83 -9.35
CA LYS A 691 2.75 3.53 -9.64
C LYS A 691 3.69 3.61 -10.84
N ILE A 692 3.32 4.38 -11.86
CA ILE A 692 4.22 4.63 -12.98
C ILE A 692 5.48 5.33 -12.48
N ALA A 693 5.31 6.28 -11.56
CA ALA A 693 6.48 6.93 -10.98
C ALA A 693 7.36 5.94 -10.24
N THR A 694 6.76 5.02 -9.48
CA THR A 694 7.53 4.02 -8.76
C THR A 694 8.34 3.15 -9.71
N VAL A 695 7.70 2.64 -10.76
CA VAL A 695 8.38 1.74 -11.67
C VAL A 695 9.45 2.49 -12.47
N ASN A 696 9.18 3.74 -12.85
CA ASN A 696 10.18 4.51 -13.57
C ASN A 696 11.39 4.82 -12.69
N ILE A 697 11.16 5.19 -11.43
CA ILE A 697 12.27 5.47 -10.54
C ILE A 697 13.08 4.21 -10.28
N GLN A 698 12.40 3.07 -10.10
CA GLN A 698 13.12 1.82 -9.90
C GLN A 698 13.96 1.47 -11.13
N LYS A 699 13.40 1.67 -12.33
CA LYS A 699 14.18 1.43 -13.54
C LYS A 699 15.40 2.35 -13.60
N GLN A 700 15.22 3.63 -13.26
CA GLN A 700 16.31 4.59 -13.39
C GLN A 700 17.42 4.33 -12.37
N LEU A 701 17.06 3.98 -11.14
CA LEU A 701 18.07 3.62 -10.16
C LEU A 701 18.52 2.17 -10.28
N GLU A 702 17.93 1.41 -11.19
CA GLU A 702 18.47 0.12 -11.58
C GLU A 702 19.56 0.28 -12.63
N THR A 703 19.30 1.10 -13.65
CA THR A 703 20.31 1.36 -14.66
C THR A 703 21.52 2.08 -14.05
N PHE A 704 21.26 3.11 -13.26
CA PHE A 704 22.31 3.79 -12.52
C PHE A 704 22.54 3.09 -11.19
N HIS A 705 23.60 3.49 -10.50
CA HIS A 705 23.94 2.98 -9.17
C HIS A 705 23.97 1.44 -9.17
N SER A 706 24.96 0.92 -9.91
CA SER A 706 25.11 -0.53 -10.10
C SER A 706 25.65 -1.14 -8.81
N THR A 707 24.76 -1.30 -7.83
CA THR A 707 25.05 -1.92 -6.56
C THR A 707 23.94 -2.91 -6.22
N PHE A 708 23.92 -3.37 -4.97
CA PHE A 708 22.85 -4.26 -4.53
C PHE A 708 21.51 -3.53 -4.57
N LYS A 709 20.51 -4.19 -5.15
CA LYS A 709 19.25 -3.51 -5.48
C LYS A 709 18.46 -3.13 -4.24
N SER A 710 18.46 -4.00 -3.23
CA SER A 710 17.67 -3.77 -2.03
C SER A 710 18.34 -4.49 -0.87
N HIS A 711 17.97 -4.10 0.35
CA HIS A 711 18.51 -4.74 1.54
C HIS A 711 18.18 -6.23 1.56
N GLY A 712 17.06 -6.62 0.96
CA GLY A 712 16.77 -8.04 0.80
C GLY A 712 17.81 -8.75 -0.05
N HIS A 713 18.22 -8.12 -1.15
CA HIS A 713 19.30 -8.69 -1.95
C HIS A 713 20.61 -8.68 -1.19
N ARG A 714 20.83 -7.67 -0.35
CA ARG A 714 22.04 -7.65 0.48
C ARG A 714 22.07 -8.83 1.44
N GLU A 715 20.94 -9.15 2.04
CA GLU A 715 20.85 -10.26 2.98
C GLU A 715 20.58 -11.59 2.28
N GLY A 716 20.47 -11.60 0.95
CA GLY A 716 20.28 -12.84 0.22
C GLY A 716 21.47 -13.79 0.30
N MET A 717 22.63 -13.28 0.68
CA MET A 717 23.82 -14.12 0.82
C MET A 717 23.70 -15.05 2.03
N PHE A 735 30.41 -1.41 -2.52
CA PHE A 735 30.22 -2.79 -2.07
C PHE A 735 29.68 -2.83 -0.64
N CYS A 736 30.60 -2.90 0.33
CA CYS A 736 30.19 -2.93 1.73
C CYS A 736 29.41 -1.69 2.15
N PRO A 737 29.81 -0.46 1.81
CA PRO A 737 28.99 0.70 2.18
C PRO A 737 27.61 0.62 1.53
N ILE A 738 26.60 1.06 2.28
CA ILE A 738 25.24 1.07 1.79
C ILE A 738 25.06 2.23 0.83
N ARG A 739 24.57 1.93 -0.38
CA ARG A 739 24.41 2.95 -1.41
C ARG A 739 23.32 2.50 -2.36
N GLY A 740 22.30 3.35 -2.56
CA GLY A 740 21.24 3.02 -3.48
C GLY A 740 20.06 3.94 -3.29
N GLY A 741 19.00 3.63 -4.04
CA GLY A 741 17.77 4.39 -4.00
C GLY A 741 16.58 3.56 -3.54
N PHE A 742 16.78 2.78 -2.48
CA PHE A 742 15.76 1.82 -2.04
C PHE A 742 14.43 2.51 -1.75
N PHE A 743 13.35 1.88 -2.19
CA PHE A 743 12.00 2.39 -2.03
C PHE A 743 11.37 1.70 -0.83
N ILE A 744 10.95 2.48 0.16
CA ILE A 744 10.58 1.92 1.45
C ILE A 744 9.13 2.16 1.85
N LEU A 745 8.43 3.13 1.27
CA LEU A 745 7.08 3.43 1.71
C LEU A 745 6.32 4.19 0.64
N GLN A 746 5.02 3.90 0.53
CA GLN A 746 4.11 4.66 -0.32
C GLN A 746 2.97 5.17 0.54
N LEU A 747 2.61 6.45 0.35
CA LEU A 747 1.58 7.09 1.14
C LEU A 747 0.40 7.54 0.28
N HIS A 748 0.12 6.79 -0.78
CA HIS A 748 -1.03 6.99 -1.66
C HIS A 748 -0.88 8.23 -2.55
N ASP A 749 0.11 9.05 -2.24
CA ASP A 749 0.41 10.19 -3.10
C ASP A 749 1.91 10.50 -3.18
N GLU A 750 2.77 9.71 -2.53
CA GLU A 750 4.18 10.06 -2.42
C GLU A 750 4.96 8.79 -2.15
N LEU A 751 6.27 8.89 -2.35
CA LEU A 751 7.17 7.76 -2.19
C LEU A 751 8.30 8.14 -1.26
N LEU A 752 8.67 7.22 -0.37
CA LEU A 752 9.80 7.41 0.52
C LEU A 752 10.96 6.55 0.02
N TYR A 753 12.14 7.18 -0.09
CA TYR A 753 13.33 6.50 -0.57
C TYR A 753 14.43 6.65 0.46
N GLU A 754 14.96 5.53 0.93
CA GLU A 754 16.03 5.51 1.92
C GLU A 754 17.39 5.67 1.24
N VAL A 755 17.58 6.84 0.63
CA VAL A 755 18.77 7.09 -0.16
C VAL A 755 19.98 7.24 0.76
N ALA A 756 21.13 6.77 0.29
CA ALA A 756 22.36 6.88 1.07
C ALA A 756 22.84 8.32 1.14
N GLU A 757 23.72 8.58 2.11
CA GLU A 757 24.20 9.94 2.36
C GLU A 757 25.09 10.47 1.26
N GLU A 758 25.53 9.63 0.32
CA GLU A 758 26.38 10.09 -0.78
C GLU A 758 25.58 10.42 -2.03
N ASP A 759 24.46 9.73 -2.26
CA ASP A 759 23.64 9.93 -3.45
C ASP A 759 22.36 10.69 -3.13
N VAL A 760 22.41 11.59 -2.15
CA VAL A 760 21.20 12.31 -1.73
C VAL A 760 20.68 13.18 -2.87
N VAL A 761 21.57 13.92 -3.52
CA VAL A 761 21.13 14.90 -4.51
C VAL A 761 20.77 14.20 -5.83
N GLN A 762 21.71 13.44 -6.39
CA GLN A 762 21.51 12.86 -7.72
C GLN A 762 20.23 12.03 -7.77
N VAL A 763 20.08 11.09 -6.84
CA VAL A 763 18.87 10.27 -6.80
C VAL A 763 17.64 11.16 -6.71
N ALA A 764 17.69 12.19 -5.84
CA ALA A 764 16.59 13.12 -5.74
C ALA A 764 16.24 13.69 -7.11
N GLN A 765 17.26 14.17 -7.83
CA GLN A 765 17.02 14.70 -9.17
C GLN A 765 16.31 13.67 -10.03
N ILE A 766 16.77 12.41 -9.97
CA ILE A 766 16.13 11.35 -10.75
C ILE A 766 14.65 11.29 -10.44
N VAL A 767 14.31 11.30 -9.15
CA VAL A 767 12.90 11.29 -8.77
C VAL A 767 12.20 12.51 -9.35
N LYS A 768 12.81 13.69 -9.18
CA LYS A 768 12.19 14.92 -9.67
C LYS A 768 12.05 14.91 -11.19
N ASN A 769 12.75 14.01 -11.86
CA ASN A 769 12.49 13.81 -13.28
C ASN A 769 11.34 12.84 -13.48
N GLU A 770 11.46 11.63 -12.92
CA GLU A 770 10.54 10.56 -13.27
C GLU A 770 9.13 10.83 -12.77
N MET A 771 9.02 11.45 -11.60
CA MET A 771 7.70 11.83 -11.10
C MET A 771 7.12 12.98 -11.91
N GLU A 772 7.98 13.84 -12.47
CA GLU A 772 7.48 14.96 -13.27
C GLU A 772 6.97 14.50 -14.63
N SER A 773 7.70 13.57 -15.26
CA SER A 773 7.37 13.09 -16.60
C SER A 773 6.79 11.68 -16.58
N ALA A 774 6.10 11.31 -15.50
CA ALA A 774 5.49 9.99 -15.43
C ALA A 774 4.44 9.83 -16.50
N VAL A 775 3.49 10.76 -16.59
CA VAL A 775 2.52 10.82 -17.67
C VAL A 775 2.37 12.27 -18.10
N LYS A 776 2.46 12.51 -19.41
CA LYS A 776 2.32 13.86 -19.96
C LYS A 776 0.86 14.25 -19.90
N LEU A 777 0.47 14.95 -18.83
CA LEU A 777 -0.90 15.36 -18.64
C LEU A 777 -1.12 16.77 -19.20
N SER A 778 -2.36 17.24 -19.11
CA SER A 778 -2.66 18.61 -19.49
C SER A 778 -2.10 19.61 -18.50
N VAL A 779 -1.73 19.17 -17.29
CA VAL A 779 -1.20 20.02 -16.24
C VAL A 779 0.12 19.43 -15.77
N LYS A 780 1.14 20.27 -15.68
CA LYS A 780 2.44 19.82 -15.19
C LYS A 780 2.32 19.28 -13.78
N LEU A 781 2.91 18.10 -13.54
CA LEU A 781 2.79 17.42 -12.25
C LEU A 781 3.93 17.88 -11.36
N LYS A 782 3.66 18.91 -10.56
CA LYS A 782 4.65 19.38 -9.60
C LYS A 782 4.87 18.33 -8.51
N VAL A 783 6.14 18.12 -8.15
CA VAL A 783 6.51 17.20 -7.09
C VAL A 783 7.51 17.91 -6.18
N LYS A 784 7.20 17.97 -4.90
CA LYS A 784 8.10 18.54 -3.90
C LYS A 784 8.94 17.41 -3.31
N VAL A 785 10.24 17.46 -3.54
CA VAL A 785 11.17 16.47 -3.03
C VAL A 785 11.74 16.99 -1.71
N LYS A 786 11.45 16.29 -0.62
CA LYS A 786 11.92 16.67 0.70
C LYS A 786 12.88 15.62 1.22
N ILE A 787 13.92 16.06 1.92
CA ILE A 787 14.92 15.15 2.49
C ILE A 787 15.06 15.45 3.96
N GLY A 788 15.45 14.44 4.73
CA GLY A 788 15.65 14.65 6.15
C GLY A 788 16.30 13.46 6.80
N ALA A 789 16.89 13.70 7.97
CA ALA A 789 17.44 12.61 8.77
C ALA A 789 16.36 11.71 9.33
N SER A 790 15.09 12.11 9.24
CA SER A 790 13.97 11.28 9.64
C SER A 790 12.74 11.73 8.88
N TRP A 791 11.74 10.85 8.83
CA TRP A 791 10.47 11.20 8.19
C TRP A 791 9.74 12.31 8.96
N GLY A 792 9.94 12.38 10.28
CA GLY A 792 9.20 13.35 11.07
C GLY A 792 9.56 14.79 10.74
N GLU A 793 10.85 15.09 10.63
CA GLU A 793 11.33 16.45 10.43
C GLU A 793 12.03 16.60 9.10
N LEU A 794 11.47 16.03 8.04
CA LEU A 794 12.01 16.23 6.71
C LEU A 794 11.79 17.67 6.27
N LYS A 795 12.83 18.25 5.65
CA LYS A 795 12.79 19.62 5.17
C LYS A 795 12.83 19.64 3.65
N ASP A 796 12.26 20.70 3.08
CA ASP A 796 12.18 20.83 1.64
C ASP A 796 13.57 20.95 1.02
N PHE A 797 13.71 20.37 -0.18
CA PHE A 797 14.95 20.41 -0.94
C PHE A 797 14.60 20.75 -2.37
N ASP A 798 15.13 21.87 -2.87
CA ASP A 798 14.82 22.35 -4.21
C ASP A 798 16.07 22.54 -5.07
N VAL A 799 17.23 22.07 -4.61
CA VAL A 799 18.46 22.21 -5.37
C VAL A 799 18.44 21.27 -6.57
#